data_4J76
#
_entry.id   4J76
#
_cell.length_a   117.301
_cell.length_b   190.669
_cell.length_c   51.732
_cell.angle_alpha   90.000
_cell.angle_beta   90.000
_cell.angle_gamma   90.000
#
_symmetry.space_group_name_H-M   'P 21 21 2'
#
loop_
_entity.id
_entity.type
_entity.pdbx_description
1 polymer 'Tryptophanyl-tRNA synthetase'
2 non-polymer GLYCEROL
3 water water
#
_entity_poly.entity_id   1
_entity_poly.type   'polypeptide(L)'
_entity_poly.pdbx_seq_one_letter_code
;GPGSMSKDVTPWDVNINNEEGINYNKLIKEFGCSKITENHIKRIEKLTNSKAHHFIRRGIFFSHRDLDFLLNYYEQHKCF
YIYTGRGPSSLSMHLGHLIPFYFCKYLQEAFNVPLVIQLSDDEKYLFNQNYSLEYINTLTNENVKDIISVGLNPELTFIF
KNTEYAGYLYPTVLSIHKKTTLNQSMNVFGFNHSDNIGKISYPSFQIAPCFSQCFPNFLGKNIPCLVPQGIDQDPYFRLS
RDIAVKMALHKPVVVHSVFMPGLQGVNSKMSSTKKKKDDNGKSNSTFDHNNSVIFLTDTPEQIKNKINKYAFSGGGTTIQ
EHREKGGNLDKDISYQYLRYLLEDDNKLNEIGEKYKKGEMLSGEIKKILIDVLTELVLKHQEKKKSLTDEEISYFFDPNK
PSLQKFKNM
;
_entity_poly.pdbx_strand_id   A,B
#
# COMPACT_ATOMS: atom_id res chain seq x y z
N GLY A 21 42.80 -1.39 3.05
CA GLY A 21 41.43 -0.85 2.83
C GLY A 21 40.33 -1.79 3.35
N ILE A 22 39.31 -1.98 2.54
CA ILE A 22 38.16 -2.80 2.91
C ILE A 22 38.49 -4.27 2.58
N ASN A 23 38.67 -5.07 3.61
CA ASN A 23 38.89 -6.52 3.47
C ASN A 23 37.55 -7.22 3.19
N TYR A 24 37.26 -7.48 1.91
CA TYR A 24 35.94 -8.01 1.51
C TYR A 24 35.75 -9.50 1.84
N ASN A 25 36.83 -10.28 1.80
CA ASN A 25 36.76 -11.70 2.17
C ASN A 25 36.42 -11.90 3.65
N LYS A 26 36.93 -11.00 4.48
CA LYS A 26 36.57 -10.94 5.90
C LYS A 26 35.08 -10.59 6.06
N LEU A 27 34.59 -9.67 5.23
CA LEU A 27 33.19 -9.26 5.26
C LEU A 27 32.24 -10.37 4.78
N ILE A 28 32.67 -11.14 3.79
CA ILE A 28 31.94 -12.34 3.33
C ILE A 28 31.76 -13.34 4.47
N LYS A 29 32.88 -13.68 5.11
CA LYS A 29 32.89 -14.63 6.24
C LYS A 29 32.00 -14.14 7.40
N GLU A 30 32.00 -12.83 7.63
CA GLU A 30 31.21 -12.23 8.70
C GLU A 30 29.70 -12.31 8.41
N PHE A 31 29.30 -11.93 7.19
CA PHE A 31 27.88 -11.97 6.80
C PHE A 31 27.35 -13.36 6.48
N GLY A 32 28.25 -14.29 6.16
CA GLY A 32 27.85 -15.63 5.76
C GLY A 32 27.49 -15.77 4.28
N CYS A 33 27.95 -14.82 3.45
CA CYS A 33 27.80 -14.89 1.99
C CYS A 33 28.75 -15.91 1.38
N SER A 34 28.68 -16.05 0.06
CA SER A 34 29.58 -16.91 -0.68
C SER A 34 30.27 -16.15 -1.80
N LYS A 35 31.50 -16.55 -2.09
CA LYS A 35 32.26 -15.95 -3.17
C LYS A 35 31.71 -16.43 -4.51
N ILE A 36 31.72 -15.54 -5.50
CA ILE A 36 31.49 -15.94 -6.88
C ILE A 36 32.80 -16.53 -7.40
N THR A 37 32.81 -17.82 -7.72
CA THR A 37 33.99 -18.56 -8.14
C THR A 37 34.19 -18.47 -9.64
N GLU A 38 35.37 -18.90 -10.09
CA GLU A 38 35.67 -18.98 -11.50
C GLU A 38 34.71 -19.93 -12.21
N ASN A 39 34.28 -20.98 -11.52
CA ASN A 39 33.33 -21.94 -12.09
C ASN A 39 31.93 -21.37 -12.24
N HIS A 40 31.52 -20.48 -11.33
CA HIS A 40 30.27 -19.74 -11.53
C HIS A 40 30.32 -18.93 -12.82
N ILE A 41 31.47 -18.29 -13.06
CA ILE A 41 31.66 -17.44 -14.23
C ILE A 41 31.60 -18.30 -15.51
N LYS A 42 32.30 -19.43 -15.53
CA LYS A 42 32.24 -20.36 -16.64
C LYS A 42 30.81 -20.82 -16.90
N ARG A 43 30.08 -21.08 -15.82
CA ARG A 43 28.71 -21.55 -15.90
C ARG A 43 27.79 -20.47 -16.49
N ILE A 44 27.97 -19.22 -16.07
CA ILE A 44 27.26 -18.09 -16.63
C ILE A 44 27.54 -17.92 -18.14
N GLU A 45 28.80 -18.03 -18.53
CA GLU A 45 29.18 -17.89 -19.94
C GLU A 45 28.58 -19.00 -20.82
N LYS A 46 28.56 -20.19 -20.26
CA LYS A 46 27.96 -21.34 -20.89
C LYS A 46 26.44 -21.16 -21.06
N LEU A 47 25.77 -20.72 -20.01
CA LEU A 47 24.30 -20.60 -20.03
C LEU A 47 23.79 -19.43 -20.87
N THR A 48 24.59 -18.37 -20.98
CA THR A 48 24.25 -17.19 -21.79
C THR A 48 24.89 -17.20 -23.19
N ASN A 49 25.76 -18.17 -23.47
CA ASN A 49 26.49 -18.24 -24.76
CA ASN A 49 26.48 -18.24 -24.75
C ASN A 49 27.20 -16.93 -25.05
N SER A 50 27.82 -16.35 -24.02
CA SER A 50 28.42 -15.05 -24.13
C SER A 50 29.40 -14.80 -22.98
N LYS A 51 30.42 -13.99 -23.23
CA LYS A 51 31.41 -13.64 -22.20
C LYS A 51 30.74 -12.95 -21.01
N ALA A 52 31.20 -13.25 -19.81
CA ALA A 52 30.65 -12.65 -18.60
C ALA A 52 31.00 -11.18 -18.52
N HIS A 53 30.12 -10.38 -17.93
CA HIS A 53 30.36 -8.95 -17.78
C HIS A 53 31.65 -8.69 -17.01
N HIS A 54 32.36 -7.63 -17.39
CA HIS A 54 33.59 -7.26 -16.72
C HIS A 54 33.43 -7.01 -15.19
N PHE A 55 32.27 -6.54 -14.74
CA PHE A 55 32.03 -6.40 -13.29
C PHE A 55 32.19 -7.75 -12.58
N ILE A 56 31.76 -8.83 -13.22
CA ILE A 56 31.89 -10.17 -12.65
C ILE A 56 33.32 -10.68 -12.79
N ARG A 57 33.91 -10.48 -13.95
CA ARG A 57 35.28 -10.97 -14.19
C ARG A 57 36.34 -10.25 -13.37
N ARG A 58 36.06 -8.99 -13.02
CA ARG A 58 37.02 -8.17 -12.29
C ARG A 58 36.75 -8.12 -10.79
N GLY A 59 35.75 -8.86 -10.34
CA GLY A 59 35.42 -8.93 -8.93
C GLY A 59 34.73 -7.69 -8.38
N ILE A 60 34.05 -6.94 -9.23
CA ILE A 60 33.27 -5.79 -8.79
C ILE A 60 31.98 -6.31 -8.15
N PHE A 61 31.26 -7.16 -8.86
CA PHE A 61 30.25 -8.02 -8.23
C PHE A 61 30.95 -9.33 -7.88
N PHE A 62 31.10 -9.60 -6.59
CA PHE A 62 32.06 -10.61 -6.10
C PHE A 62 31.49 -11.70 -5.19
N SER A 63 30.29 -11.49 -4.65
CA SER A 63 29.71 -12.48 -3.74
C SER A 63 28.21 -12.65 -4.01
N HIS A 64 27.63 -13.65 -3.38
CA HIS A 64 26.24 -14.01 -3.63
C HIS A 64 25.62 -14.80 -2.49
N ARG A 65 24.30 -14.90 -2.54
CA ARG A 65 23.58 -15.97 -1.85
C ARG A 65 22.65 -16.66 -2.86
N ASP A 66 22.73 -18.01 -2.91
CA ASP A 66 21.85 -18.85 -3.74
C ASP A 66 21.95 -18.66 -5.26
N LEU A 67 23.13 -18.26 -5.74
CA LEU A 67 23.36 -18.13 -7.17
C LEU A 67 23.21 -19.48 -7.88
N ASP A 68 23.63 -20.56 -7.24
CA ASP A 68 23.51 -21.87 -7.88
C ASP A 68 22.06 -22.29 -8.06
N PHE A 69 21.24 -22.01 -7.06
CA PHE A 69 19.82 -22.23 -7.20
C PHE A 69 19.27 -21.55 -8.46
N LEU A 70 19.70 -20.31 -8.68
CA LEU A 70 19.25 -19.55 -9.83
C LEU A 70 19.78 -20.10 -11.16
N LEU A 71 21.07 -20.39 -11.22
CA LEU A 71 21.68 -20.88 -12.45
C LEU A 71 21.07 -22.25 -12.83
N ASN A 72 20.90 -23.12 -11.84
CA ASN A 72 20.26 -24.42 -12.08
C ASN A 72 18.82 -24.28 -12.59
N TYR A 73 18.09 -23.32 -12.03
CA TYR A 73 16.71 -23.05 -12.45
C TYR A 73 16.66 -22.54 -13.89
N TYR A 74 17.52 -21.57 -14.19
CA TYR A 74 17.62 -21.03 -15.55
C TYR A 74 18.00 -22.12 -16.55
N GLU A 75 18.93 -22.98 -16.16
CA GLU A 75 19.36 -24.08 -17.02
C GLU A 75 18.21 -24.96 -17.44
N GLN A 76 17.26 -25.20 -16.53
CA GLN A 76 16.10 -26.05 -16.84
C GLN A 76 14.92 -25.33 -17.48
N HIS A 77 14.67 -24.09 -17.05
CA HIS A 77 13.43 -23.39 -17.42
C HIS A 77 13.66 -22.13 -18.23
N LYS A 78 14.91 -21.68 -18.37
CA LYS A 78 15.26 -20.49 -19.14
C LYS A 78 14.49 -19.26 -18.70
N CYS A 79 14.37 -19.12 -17.40
CA CYS A 79 13.42 -18.19 -16.85
C CYS A 79 13.78 -17.76 -15.41
N PHE A 80 13.87 -16.46 -15.19
CA PHE A 80 13.81 -15.82 -13.87
C PHE A 80 13.52 -14.35 -14.13
N TYR A 81 13.57 -13.51 -13.09
CA TYR A 81 13.57 -12.09 -13.32
C TYR A 81 14.48 -11.36 -12.38
N ILE A 82 14.77 -10.11 -12.74
CA ILE A 82 15.70 -9.25 -12.03
C ILE A 82 14.90 -8.12 -11.39
N TYR A 83 15.18 -7.84 -10.11
CA TYR A 83 14.50 -6.76 -9.38
C TYR A 83 15.51 -5.76 -8.92
N THR A 84 15.27 -4.50 -9.30
CA THR A 84 16.03 -3.41 -8.73
C THR A 84 15.12 -2.23 -8.51
N GLY A 85 15.68 -1.17 -7.98
CA GLY A 85 14.84 -0.09 -7.52
C GLY A 85 15.63 1.18 -7.32
N ARG A 86 14.89 2.25 -7.04
CA ARG A 86 15.46 3.56 -6.99
C ARG A 86 14.52 4.45 -6.19
N GLY A 87 15.02 5.03 -5.11
CA GLY A 87 14.34 6.11 -4.42
C GLY A 87 14.66 7.40 -5.15
N PRO A 88 13.63 8.17 -5.55
CA PRO A 88 13.91 9.40 -6.31
C PRO A 88 14.75 10.44 -5.54
N SER A 89 15.92 10.81 -6.08
CA SER A 89 16.84 11.74 -5.40
C SER A 89 16.50 13.18 -5.63
N SER A 90 16.84 14.00 -4.63
CA SER A 90 16.64 15.43 -4.70
C SER A 90 17.58 16.08 -5.72
N LEU A 91 18.79 15.54 -5.88
CA LEU A 91 19.80 16.06 -6.83
C LEU A 91 19.92 15.15 -8.05
N SER A 92 20.70 15.59 -9.04
CA SER A 92 20.95 14.80 -10.25
C SER A 92 21.69 13.52 -9.87
N MET A 93 21.41 12.47 -10.60
CA MET A 93 22.08 11.21 -10.41
C MET A 93 23.53 11.36 -10.90
N HIS A 94 24.43 10.62 -10.26
CA HIS A 94 25.84 10.60 -10.65
C HIS A 94 26.20 9.18 -11.06
N LEU A 95 27.41 9.01 -11.58
CA LEU A 95 27.85 7.75 -12.17
C LEU A 95 27.63 6.55 -11.26
N GLY A 96 27.94 6.71 -9.98
CA GLY A 96 27.74 5.64 -8.99
C GLY A 96 26.33 5.06 -8.92
N HIS A 97 25.31 5.90 -9.16
CA HIS A 97 23.91 5.45 -9.18
C HIS A 97 23.61 4.58 -10.39
N LEU A 98 24.34 4.76 -11.48
CA LEU A 98 24.06 4.01 -12.70
C LEU A 98 24.73 2.65 -12.74
N ILE A 99 25.77 2.45 -11.95
CA ILE A 99 26.52 1.18 -11.96
C ILE A 99 25.61 -0.04 -11.87
N PRO A 100 24.71 -0.09 -10.86
CA PRO A 100 23.85 -1.27 -10.79
C PRO A 100 22.90 -1.40 -12.00
N PHE A 101 22.55 -0.27 -12.61
CA PHE A 101 21.67 -0.31 -13.78
C PHE A 101 22.41 -0.80 -15.04
N TYR A 102 23.70 -0.49 -15.15
CA TYR A 102 24.53 -1.05 -16.21
C TYR A 102 24.64 -2.56 -16.05
N PHE A 103 24.73 -3.02 -14.82
CA PHE A 103 24.77 -4.46 -14.56
C PHE A 103 23.43 -5.14 -14.89
N CYS A 104 22.32 -4.50 -14.54
CA CYS A 104 21.00 -5.06 -14.83
C CYS A 104 20.74 -5.09 -16.34
N LYS A 105 21.24 -4.09 -17.06
CA LYS A 105 21.19 -4.07 -18.53
C LYS A 105 21.89 -5.31 -19.11
N TYR A 106 23.07 -5.61 -18.59
CA TYR A 106 23.80 -6.82 -18.98
C TYR A 106 23.02 -8.10 -18.64
N LEU A 107 22.51 -8.19 -17.43
CA LEU A 107 21.82 -9.39 -16.99
C LEU A 107 20.60 -9.69 -17.86
N GLN A 108 19.80 -8.67 -18.13
CA GLN A 108 18.59 -8.86 -18.91
C GLN A 108 18.91 -9.32 -20.33
N GLU A 109 19.96 -8.75 -20.93
CA GLU A 109 20.38 -9.10 -22.29
C GLU A 109 21.07 -10.46 -22.41
N ALA A 110 21.94 -10.78 -21.45
CA ALA A 110 22.68 -12.04 -21.51
C ALA A 110 21.78 -13.24 -21.22
N PHE A 111 20.87 -13.10 -20.25
CA PHE A 111 19.96 -14.17 -19.88
C PHE A 111 18.63 -14.10 -20.64
N ASN A 112 18.32 -12.94 -21.18
CA ASN A 112 17.05 -12.74 -21.90
C ASN A 112 15.85 -12.92 -20.97
N VAL A 113 15.82 -12.14 -19.90
CA VAL A 113 14.78 -12.24 -18.89
C VAL A 113 14.32 -10.84 -18.49
N PRO A 114 13.13 -10.74 -17.86
CA PRO A 114 12.61 -9.45 -17.47
C PRO A 114 13.37 -8.77 -16.33
N LEU A 115 13.33 -7.44 -16.36
CA LEU A 115 13.87 -6.58 -15.33
C LEU A 115 12.74 -5.70 -14.86
N VAL A 116 12.43 -5.76 -13.56
CA VAL A 116 11.44 -4.89 -12.96
C VAL A 116 12.14 -3.83 -12.10
N ILE A 117 11.68 -2.60 -12.20
CA ILE A 117 12.33 -1.47 -11.55
C ILE A 117 11.31 -0.69 -10.73
N GLN A 118 11.48 -0.73 -9.40
CA GLN A 118 10.62 0.00 -8.47
C GLN A 118 11.09 1.43 -8.24
N LEU A 119 10.21 2.39 -8.45
CA LEU A 119 10.48 3.75 -8.05
C LEU A 119 9.69 4.02 -6.81
N SER A 120 10.39 4.18 -5.70
CA SER A 120 9.75 4.22 -4.41
C SER A 120 9.44 5.67 -4.06
N ASP A 121 8.52 6.23 -4.83
CA ASP A 121 8.07 7.60 -4.63
C ASP A 121 7.30 7.74 -3.32
N ASP A 122 6.58 6.69 -2.93
CA ASP A 122 5.90 6.63 -1.63
C ASP A 122 6.87 6.76 -0.46
N GLU A 123 7.97 6.02 -0.52
CA GLU A 123 9.02 6.08 0.51
C GLU A 123 9.53 7.50 0.67
N LYS A 124 9.90 8.12 -0.44
CA LYS A 124 10.41 9.49 -0.40
C LYS A 124 9.40 10.47 0.20
N TYR A 125 8.12 10.30 -0.11
CA TYR A 125 7.08 11.15 0.47
C TYR A 125 6.97 10.94 1.98
N LEU A 126 6.96 9.69 2.41
CA LEU A 126 6.79 9.34 3.81
C LEU A 126 7.95 9.73 4.71
N PHE A 127 9.17 9.71 4.16
CA PHE A 127 10.37 9.95 4.95
C PHE A 127 10.90 11.37 4.90
N ASN A 128 10.40 12.20 3.97
CA ASN A 128 10.85 13.60 3.85
C ASN A 128 9.71 14.55 4.16
N GLN A 129 9.75 15.14 5.34
CA GLN A 129 8.61 15.82 5.91
C GLN A 129 8.08 16.95 5.03
N ASN A 130 8.97 17.66 4.35
CA ASN A 130 8.59 18.84 3.57
C ASN A 130 8.38 18.61 2.09
N TYR A 131 8.45 17.37 1.64
CA TYR A 131 8.24 17.05 0.23
C TYR A 131 6.78 16.66 -0.02
N SER A 132 6.22 17.19 -1.10
CA SER A 132 4.89 16.82 -1.54
C SER A 132 5.00 15.68 -2.56
N LEU A 133 3.90 14.95 -2.76
CA LEU A 133 3.83 13.95 -3.82
C LEU A 133 4.09 14.54 -5.20
N GLU A 134 3.47 15.68 -5.49
CA GLU A 134 3.65 16.37 -6.77
C GLU A 134 5.14 16.66 -7.04
N TYR A 135 5.82 17.24 -6.06
CA TYR A 135 7.25 17.54 -6.20
C TYR A 135 8.06 16.24 -6.40
N ILE A 136 7.76 15.22 -5.62
CA ILE A 136 8.44 13.94 -5.75
C ILE A 136 8.24 13.33 -7.15
N ASN A 137 7.06 13.51 -7.72
CA ASN A 137 6.80 12.99 -9.08
C ASN A 137 7.70 13.65 -10.12
N THR A 138 8.02 14.93 -9.94
CA THR A 138 8.96 15.64 -10.82
C THR A 138 10.35 14.98 -10.75
N LEU A 139 10.78 14.62 -9.54
CA LEU A 139 12.07 13.96 -9.35
C LEU A 139 12.05 12.54 -9.92
N THR A 140 10.97 11.82 -9.67
CA THR A 140 10.80 10.49 -10.21
C THR A 140 10.88 10.45 -11.74
N ASN A 141 10.20 11.36 -12.42
CA ASN A 141 10.21 11.37 -13.88
C ASN A 141 11.60 11.65 -14.46
N GLU A 142 12.36 12.52 -13.80
CA GLU A 142 13.73 12.79 -14.24
C GLU A 142 14.64 11.58 -14.01
N ASN A 143 14.57 10.96 -12.82
CA ASN A 143 15.35 9.73 -12.56
C ASN A 143 15.04 8.62 -13.56
N VAL A 144 13.77 8.43 -13.90
CA VAL A 144 13.36 7.43 -14.89
C VAL A 144 14.09 7.62 -16.22
N LYS A 145 14.20 8.86 -16.64
CA LYS A 145 14.88 9.18 -17.88
C LYS A 145 16.37 8.78 -17.83
N ASP A 146 17.03 9.06 -16.71
CA ASP A 146 18.43 8.66 -16.54
C ASP A 146 18.60 7.14 -16.49
N ILE A 147 17.65 6.46 -15.85
CA ILE A 147 17.65 5.00 -15.81
C ILE A 147 17.49 4.40 -17.22
N ILE A 148 16.49 4.85 -17.96
CA ILE A 148 16.29 4.37 -19.33
C ILE A 148 17.52 4.64 -20.18
N SER A 149 18.16 5.79 -19.97
CA SER A 149 19.25 6.23 -20.82
C SER A 149 20.57 5.45 -20.69
N VAL A 150 20.66 4.51 -19.74
CA VAL A 150 21.80 3.57 -19.76
C VAL A 150 21.72 2.60 -20.93
N GLY A 151 20.57 2.55 -21.60
CA GLY A 151 20.38 1.69 -22.76
C GLY A 151 19.60 0.42 -22.44
N LEU A 152 18.75 0.46 -21.41
CA LEU A 152 17.91 -0.68 -21.06
C LEU A 152 17.08 -1.10 -22.26
N ASN A 153 16.87 -2.40 -22.39
CA ASN A 153 16.01 -2.92 -23.45
C ASN A 153 14.54 -2.75 -23.07
N PRO A 154 13.82 -1.89 -23.81
CA PRO A 154 12.42 -1.62 -23.48
C PRO A 154 11.57 -2.89 -23.42
N GLU A 155 11.87 -3.86 -24.28
CA GLU A 155 11.03 -5.06 -24.43
C GLU A 155 11.11 -5.97 -23.20
N LEU A 156 12.21 -5.90 -22.45
CA LEU A 156 12.41 -6.75 -21.27
C LEU A 156 12.46 -5.94 -19.96
N THR A 157 11.84 -4.76 -19.93
CA THR A 157 11.87 -3.91 -18.75
C THR A 157 10.45 -3.52 -18.34
N PHE A 158 10.19 -3.54 -17.03
CA PHE A 158 8.94 -3.01 -16.50
C PHE A 158 9.28 -2.07 -15.36
N ILE A 159 9.05 -0.78 -15.58
CA ILE A 159 9.25 0.24 -14.56
C ILE A 159 7.88 0.56 -13.94
N PHE A 160 7.85 0.73 -12.63
CA PHE A 160 6.61 1.12 -11.97
C PHE A 160 6.87 2.09 -10.82
N LYS A 161 5.92 2.99 -10.61
CA LYS A 161 5.91 3.84 -9.44
C LYS A 161 5.03 3.18 -8.39
N ASN A 162 5.52 3.12 -7.14
CA ASN A 162 4.73 2.56 -6.06
C ASN A 162 3.37 3.26 -5.89
N THR A 163 3.33 4.59 -6.06
CA THR A 163 2.07 5.34 -5.99
C THR A 163 1.02 4.84 -6.97
N GLU A 164 1.45 4.32 -8.11
CA GLU A 164 0.56 3.87 -9.17
C GLU A 164 0.32 2.36 -9.16
N TYR A 165 1.28 1.59 -8.65
CA TYR A 165 1.28 0.13 -8.78
C TYR A 165 0.92 -0.59 -7.46
N ALA A 166 0.71 0.17 -6.39
CA ALA A 166 0.48 -0.40 -5.06
C ALA A 166 -0.62 -1.46 -5.01
N GLY A 167 -1.68 -1.29 -5.80
CA GLY A 167 -2.77 -2.26 -5.86
C GLY A 167 -2.34 -3.67 -6.26
N TYR A 168 -1.33 -3.76 -7.11
CA TYR A 168 -0.78 -5.06 -7.51
C TYR A 168 0.10 -5.65 -6.42
N LEU A 169 0.73 -4.78 -5.62
CA LEU A 169 1.59 -5.25 -4.54
C LEU A 169 0.84 -5.64 -3.28
N TYR A 170 -0.38 -5.11 -3.12
CA TYR A 170 -1.04 -5.05 -1.80
C TYR A 170 -1.32 -6.42 -1.14
N PRO A 171 -1.87 -7.39 -1.88
CA PRO A 171 -2.08 -8.70 -1.24
C PRO A 171 -0.79 -9.33 -0.69
N THR A 172 0.30 -9.21 -1.45
CA THR A 172 1.60 -9.69 -0.98
C THR A 172 2.09 -8.87 0.22
N VAL A 173 1.94 -7.55 0.14
CA VAL A 173 2.29 -6.66 1.24
C VAL A 173 1.56 -7.04 2.51
N LEU A 174 0.27 -7.37 2.40
CA LEU A 174 -0.50 -7.76 3.58
C LEU A 174 0.09 -8.98 4.28
N SER A 175 0.53 -9.95 3.50
CA SER A 175 1.12 -11.17 4.06
C SER A 175 2.45 -10.88 4.75
N ILE A 176 3.23 -9.99 4.17
CA ILE A 176 4.51 -9.57 4.75
C ILE A 176 4.27 -8.80 6.06
N HIS A 177 3.33 -7.84 6.03
CA HIS A 177 2.88 -7.12 7.22
C HIS A 177 2.50 -8.06 8.34
N LYS A 178 1.65 -9.03 8.01
CA LYS A 178 1.12 -9.96 9.01
C LYS A 178 2.23 -10.75 9.71
N LYS A 179 3.36 -10.98 9.01
CA LYS A 179 4.50 -11.74 9.56
C LYS A 179 5.55 -10.85 10.23
N THR A 180 5.27 -9.55 10.39
CA THR A 180 6.23 -8.61 10.96
C THR A 180 5.58 -7.86 12.14
N THR A 181 6.05 -8.12 13.36
CA THR A 181 5.57 -7.37 14.52
C THR A 181 6.11 -5.94 14.54
N LEU A 182 5.42 -5.06 15.25
CA LEU A 182 5.90 -3.70 15.43
C LEU A 182 7.29 -3.69 16.10
N ASN A 183 7.48 -4.55 17.10
CA ASN A 183 8.78 -4.72 17.73
C ASN A 183 9.91 -4.97 16.73
N GLN A 184 9.70 -5.94 15.85
CA GLN A 184 10.66 -6.30 14.82
CA GLN A 184 10.66 -6.30 14.80
C GLN A 184 10.97 -5.12 13.88
N SER A 185 9.94 -4.44 13.37
CA SER A 185 10.15 -3.29 12.48
C SER A 185 10.95 -2.19 13.19
N MET A 186 10.54 -1.83 14.41
CA MET A 186 11.21 -0.78 15.17
C MET A 186 12.66 -1.13 15.51
N ASN A 187 12.89 -2.35 16.00
CA ASN A 187 14.25 -2.84 16.29
C ASN A 187 15.16 -2.87 15.05
N VAL A 188 14.65 -3.36 13.93
CA VAL A 188 15.48 -3.51 12.73
C VAL A 188 15.81 -2.17 12.09
N PHE A 189 14.81 -1.29 11.96
CA PHE A 189 15.00 -0.02 11.26
C PHE A 189 15.29 1.18 12.16
N GLY A 190 15.21 1.01 13.48
CA GLY A 190 15.49 2.10 14.41
C GLY A 190 14.39 3.15 14.51
N PHE A 191 13.14 2.77 14.22
CA PHE A 191 12.03 3.69 14.33
C PHE A 191 11.76 4.07 15.78
N ASN A 192 11.13 5.23 15.97
CA ASN A 192 10.67 5.63 17.30
C ASN A 192 9.17 5.96 17.23
N HIS A 193 8.59 6.30 18.37
CA HIS A 193 7.14 6.47 18.48
C HIS A 193 6.59 7.78 17.88
N SER A 194 7.48 8.70 17.54
CA SER A 194 7.10 9.90 16.81
C SER A 194 7.17 9.73 15.30
N ASP A 195 7.68 8.59 14.82
CA ASP A 195 7.68 8.32 13.38
C ASP A 195 6.27 8.02 12.91
N ASN A 196 5.95 8.48 11.71
CA ASN A 196 4.61 8.25 11.17
C ASN A 196 4.45 6.78 10.78
N ILE A 197 3.21 6.32 10.78
CA ILE A 197 2.93 4.91 10.54
C ILE A 197 3.19 4.46 9.10
N GLY A 198 3.36 5.42 8.19
CA GLY A 198 3.85 5.11 6.86
C GLY A 198 5.28 4.59 6.88
N LYS A 199 6.15 5.26 7.63
CA LYS A 199 7.52 4.78 7.77
C LYS A 199 7.55 3.38 8.34
N ILE A 200 6.76 3.17 9.39
CA ILE A 200 6.75 1.91 10.13
C ILE A 200 6.42 0.75 9.22
N SER A 201 5.50 0.96 8.28
CA SER A 201 4.98 -0.11 7.46
C SER A 201 5.56 -0.13 6.03
N TYR A 202 6.34 0.88 5.66
CA TYR A 202 6.90 0.93 4.32
C TYR A 202 7.79 -0.28 3.89
N PRO A 203 8.62 -0.81 4.79
CA PRO A 203 9.55 -1.88 4.34
C PRO A 203 8.90 -3.05 3.59
N SER A 204 7.66 -3.40 3.94
CA SER A 204 6.95 -4.48 3.24
C SER A 204 6.82 -4.20 1.73
N PHE A 205 6.64 -2.93 1.37
CA PHE A 205 6.51 -2.54 -0.04
C PHE A 205 7.84 -2.71 -0.78
N GLN A 206 8.96 -2.63 -0.07
CA GLN A 206 10.28 -2.83 -0.69
C GLN A 206 10.62 -4.31 -0.81
N ILE A 207 10.03 -5.12 0.06
CA ILE A 207 10.23 -6.56 0.01
C ILE A 207 9.36 -7.21 -1.07
N ALA A 208 8.13 -6.73 -1.20
CA ALA A 208 7.10 -7.38 -2.03
C ALA A 208 7.53 -7.78 -3.46
N PRO A 209 8.27 -6.91 -4.16
CA PRO A 209 8.60 -7.24 -5.55
C PRO A 209 9.61 -8.37 -5.75
N CYS A 210 10.15 -8.89 -4.65
CA CYS A 210 10.96 -10.10 -4.69
C CYS A 210 10.09 -11.32 -5.01
N PHE A 211 8.77 -11.18 -4.96
CA PHE A 211 7.85 -12.29 -5.21
C PHE A 211 7.04 -12.05 -6.49
N SER A 212 7.20 -12.95 -7.45
CA SER A 212 6.72 -12.76 -8.82
C SER A 212 5.20 -12.64 -8.93
N GLN A 213 4.51 -13.16 -7.92
CA GLN A 213 3.07 -12.97 -7.81
C GLN A 213 2.66 -11.49 -7.84
N CYS A 214 3.62 -10.58 -7.63
CA CYS A 214 3.37 -9.14 -7.75
C CYS A 214 3.28 -8.63 -9.19
N PHE A 215 3.58 -9.49 -10.16
CA PHE A 215 3.54 -9.10 -11.57
C PHE A 215 2.72 -10.10 -12.39
N PRO A 216 1.42 -10.27 -12.05
CA PRO A 216 0.60 -11.27 -12.73
C PRO A 216 0.37 -11.03 -14.24
N ASN A 217 0.60 -9.80 -14.71
CA ASN A 217 0.41 -9.51 -16.14
C ASN A 217 1.47 -10.16 -17.02
N PHE A 218 2.61 -10.54 -16.45
CA PHE A 218 3.67 -11.12 -17.28
C PHE A 218 4.59 -12.17 -16.65
N LEU A 219 4.43 -12.48 -15.36
CA LEU A 219 5.21 -13.55 -14.72
C LEU A 219 4.34 -14.64 -14.11
N GLY A 220 4.82 -15.89 -14.15
CA GLY A 220 4.19 -16.99 -13.40
C GLY A 220 4.43 -16.80 -11.90
N LYS A 221 3.75 -17.58 -11.07
CA LYS A 221 3.92 -17.52 -9.63
C LYS A 221 5.20 -18.20 -9.20
N ASN A 222 5.78 -17.70 -8.12
CA ASN A 222 6.98 -18.25 -7.50
C ASN A 222 8.14 -18.53 -8.47
N ILE A 223 8.42 -17.55 -9.30
CA ILE A 223 9.55 -17.55 -10.22
C ILE A 223 10.74 -16.91 -9.49
N PRO A 224 11.92 -17.50 -9.62
CA PRO A 224 13.05 -16.92 -8.90
C PRO A 224 13.38 -15.47 -9.29
N CYS A 225 13.86 -14.70 -8.30
CA CYS A 225 14.16 -13.29 -8.42
C CYS A 225 15.62 -13.04 -8.10
N LEU A 226 16.33 -12.32 -8.97
CA LEU A 226 17.72 -11.93 -8.73
C LEU A 226 17.78 -10.43 -8.37
N VAL A 227 18.41 -10.12 -7.25
CA VAL A 227 18.49 -8.75 -6.73
C VAL A 227 19.95 -8.32 -6.55
N PRO A 228 20.49 -7.55 -7.50
CA PRO A 228 21.83 -6.97 -7.30
C PRO A 228 21.84 -5.93 -6.19
N GLN A 229 22.83 -6.00 -5.28
CA GLN A 229 22.94 -5.11 -4.13
CA GLN A 229 22.94 -5.07 -4.17
C GLN A 229 24.40 -4.77 -3.84
N GLY A 230 24.64 -3.68 -3.13
CA GLY A 230 25.93 -3.47 -2.49
C GLY A 230 26.05 -4.48 -1.34
N ILE A 231 27.27 -4.92 -1.07
CA ILE A 231 27.54 -5.83 0.06
C ILE A 231 27.04 -5.23 1.37
N ASP A 232 27.11 -3.90 1.49
CA ASP A 232 26.60 -3.20 2.68
C ASP A 232 25.09 -3.33 2.92
N GLN A 233 24.34 -3.74 1.90
CA GLN A 233 22.90 -3.91 2.01
C GLN A 233 22.45 -5.31 2.43
N ASP A 234 23.40 -6.24 2.51
CA ASP A 234 23.08 -7.63 2.83
C ASP A 234 22.33 -7.81 4.15
N PRO A 235 22.76 -7.10 5.23
CA PRO A 235 22.03 -7.25 6.50
C PRO A 235 20.55 -6.88 6.39
N TYR A 236 20.22 -5.87 5.59
CA TYR A 236 18.83 -5.45 5.41
C TYR A 236 18.09 -6.43 4.51
N PHE A 237 18.77 -6.91 3.48
CA PHE A 237 18.17 -7.84 2.53
C PHE A 237 17.84 -9.21 3.12
N ARG A 238 18.55 -9.59 4.18
CA ARG A 238 18.23 -10.79 4.94
C ARG A 238 16.77 -10.83 5.41
N LEU A 239 16.17 -9.68 5.74
CA LEU A 239 14.74 -9.63 6.09
C LEU A 239 13.86 -10.17 4.95
N SER A 240 14.19 -9.81 3.72
CA SER A 240 13.45 -10.35 2.56
C SER A 240 13.54 -11.87 2.45
N ARG A 241 14.72 -12.41 2.71
CA ARG A 241 14.95 -13.84 2.60
C ARG A 241 14.24 -14.58 3.74
N ASP A 242 14.30 -14.05 4.95
CA ASP A 242 13.56 -14.60 6.09
C ASP A 242 12.03 -14.60 5.89
N ILE A 243 11.50 -13.51 5.35
CA ILE A 243 10.07 -13.41 5.09
C ILE A 243 9.62 -14.43 4.03
N ALA A 244 10.45 -14.62 3.00
CA ALA A 244 10.17 -15.60 1.97
C ALA A 244 9.97 -17.02 2.55
N VAL A 245 10.81 -17.39 3.51
CA VAL A 245 10.67 -18.69 4.17
C VAL A 245 9.31 -18.81 4.85
N LYS A 246 8.90 -17.78 5.60
CA LYS A 246 7.60 -17.79 6.28
C LYS A 246 6.41 -17.81 5.31
N MET A 247 6.62 -17.30 4.11
CA MET A 247 5.58 -17.30 3.07
C MET A 247 5.60 -18.56 2.19
N ALA A 248 6.57 -19.44 2.42
CA ALA A 248 6.76 -20.65 1.61
C ALA A 248 6.96 -20.30 0.15
N LEU A 249 7.78 -19.29 -0.12
CA LEU A 249 8.11 -18.85 -1.47
C LEU A 249 9.63 -18.89 -1.62
N HIS A 250 10.14 -18.92 -2.83
CA HIS A 250 11.58 -18.89 -3.03
C HIS A 250 12.18 -17.66 -2.37
N LYS A 251 13.35 -17.85 -1.76
CA LYS A 251 14.14 -16.75 -1.26
C LYS A 251 14.75 -15.98 -2.43
N PRO A 252 14.70 -14.64 -2.39
CA PRO A 252 15.34 -13.88 -3.44
C PRO A 252 16.86 -14.10 -3.47
N VAL A 253 17.41 -14.22 -4.67
CA VAL A 253 18.82 -14.46 -4.88
C VAL A 253 19.54 -13.12 -4.94
N VAL A 254 20.73 -13.05 -4.36
CA VAL A 254 21.47 -11.80 -4.32
C VAL A 254 22.90 -11.97 -4.84
N VAL A 255 23.33 -10.99 -5.62
CA VAL A 255 24.75 -10.82 -5.95
C VAL A 255 25.17 -9.43 -5.46
N HIS A 256 26.32 -9.38 -4.77
CA HIS A 256 26.78 -8.17 -4.07
C HIS A 256 27.94 -7.51 -4.78
N SER A 257 27.94 -6.19 -4.78
CA SER A 257 29.06 -5.41 -5.32
C SER A 257 29.88 -4.73 -4.22
N VAL A 258 31.13 -4.41 -4.56
CA VAL A 258 31.97 -3.60 -3.70
C VAL A 258 31.46 -2.15 -3.67
N PHE A 259 31.92 -1.38 -2.68
CA PHE A 259 31.69 0.05 -2.67
C PHE A 259 32.45 0.67 -3.85
N MET A 260 31.78 1.48 -4.66
CA MET A 260 32.49 2.30 -5.64
C MET A 260 32.96 3.58 -4.97
N PRO A 261 34.28 3.85 -5.00
CA PRO A 261 34.84 4.96 -4.26
C PRO A 261 34.55 6.30 -4.91
N GLY A 262 34.56 7.37 -4.11
CA GLY A 262 34.51 8.73 -4.64
C GLY A 262 35.85 9.10 -5.25
N LEU A 263 35.90 10.25 -5.91
CA LEU A 263 37.11 10.67 -6.60
C LEU A 263 38.31 10.90 -5.68
N GLN A 264 38.05 11.27 -4.44
CA GLN A 264 39.09 11.78 -3.55
C GLN A 264 39.85 10.70 -2.78
N GLY A 265 39.21 9.55 -2.54
CA GLY A 265 39.85 8.46 -1.83
C GLY A 265 39.16 7.12 -2.04
N VAL A 266 39.96 6.06 -2.16
CA VAL A 266 39.43 4.70 -2.36
C VAL A 266 38.71 4.18 -1.11
N ASN A 267 39.14 4.61 0.07
CA ASN A 267 38.50 4.22 1.33
C ASN A 267 37.20 4.99 1.62
N SER A 268 37.02 6.15 0.98
CA SER A 268 35.83 6.97 1.19
C SER A 268 34.83 6.81 0.04
N LYS A 269 33.54 6.74 0.37
CA LYS A 269 32.47 6.57 -0.61
C LYS A 269 31.98 7.93 -1.12
N MET A 270 31.43 7.93 -2.34
CA MET A 270 30.78 9.10 -2.95
C MET A 270 30.67 10.29 -2.00
N ASP A 288 32.19 21.57 -3.62
CA ASP A 288 32.58 20.99 -2.34
C ASP A 288 31.74 19.72 -2.08
N HIS A 289 32.33 18.57 -2.39
CA HIS A 289 31.66 17.26 -2.38
C HIS A 289 30.86 16.99 -3.68
N ASN A 290 30.63 18.03 -4.48
CA ASN A 290 30.26 17.87 -5.88
C ASN A 290 31.50 17.51 -6.70
N ASN A 291 32.68 17.75 -6.13
CA ASN A 291 33.95 17.38 -6.74
C ASN A 291 34.37 15.95 -6.39
N SER A 292 33.50 15.21 -5.71
CA SER A 292 33.78 13.82 -5.36
C SER A 292 33.01 12.86 -6.29
N VAL A 293 32.11 13.37 -7.12
CA VAL A 293 31.33 12.54 -8.04
C VAL A 293 31.22 13.16 -9.43
N ILE A 294 30.93 12.30 -10.41
CA ILE A 294 30.66 12.72 -11.77
C ILE A 294 29.14 12.71 -12.00
N PHE A 295 28.53 13.89 -11.98
CA PHE A 295 27.11 14.01 -12.28
C PHE A 295 26.90 13.76 -13.77
N LEU A 296 25.72 13.25 -14.11
CA LEU A 296 25.39 12.93 -15.48
C LEU A 296 25.06 14.18 -16.29
N THR A 297 24.84 15.30 -15.59
CA THR A 297 24.65 16.59 -16.22
C THR A 297 25.97 17.38 -16.37
N ASP A 298 27.09 16.81 -15.94
CA ASP A 298 28.41 17.48 -16.06
C ASP A 298 28.85 17.58 -17.52
N THR A 299 29.45 18.70 -17.88
CA THR A 299 30.01 18.91 -19.22
C THR A 299 31.37 18.26 -19.36
N PRO A 300 31.85 18.08 -20.60
CA PRO A 300 33.21 17.59 -20.86
C PRO A 300 34.31 18.34 -20.10
N GLU A 301 34.21 19.67 -20.07
CA GLU A 301 35.15 20.50 -19.32
C GLU A 301 35.07 20.29 -17.81
N GLN A 302 33.86 20.17 -17.29
CA GLN A 302 33.69 19.92 -15.85
C GLN A 302 34.29 18.57 -15.45
N ILE A 303 34.12 17.58 -16.32
CA ILE A 303 34.68 16.24 -16.09
C ILE A 303 36.21 16.28 -16.15
N LYS A 304 36.74 16.97 -17.15
CA LYS A 304 38.18 17.15 -17.30
C LYS A 304 38.80 17.73 -16.02
N ASN A 305 38.21 18.81 -15.52
CA ASN A 305 38.73 19.47 -14.33
C ASN A 305 38.62 18.63 -13.06
N LYS A 306 37.48 17.97 -12.88
CA LYS A 306 37.29 17.11 -11.71
C LYS A 306 38.33 15.99 -11.65
N ILE A 307 38.59 15.34 -12.78
CA ILE A 307 39.57 14.25 -12.82
C ILE A 307 40.98 14.79 -12.61
N ASN A 308 41.36 15.83 -13.36
CA ASN A 308 42.70 16.42 -13.27
C ASN A 308 43.01 16.99 -11.88
N LYS A 309 42.07 17.75 -11.31
CA LYS A 309 42.29 18.43 -10.03
C LYS A 309 41.99 17.57 -8.79
N TYR A 310 40.90 16.79 -8.83
CA TYR A 310 40.36 16.16 -7.61
C TYR A 310 40.47 14.63 -7.52
N ALA A 311 40.76 13.95 -8.64
CA ALA A 311 40.89 12.49 -8.60
C ALA A 311 42.24 12.10 -8.01
N PHE A 312 42.22 11.20 -7.03
CA PHE A 312 43.44 10.80 -6.32
C PHE A 312 44.36 10.00 -7.24
N SER A 313 45.65 10.36 -7.21
CA SER A 313 46.65 9.69 -8.04
C SER A 313 47.47 8.73 -7.18
N GLY A 314 47.71 7.53 -7.73
CA GLY A 314 48.62 6.57 -7.11
C GLY A 314 50.04 6.66 -7.66
N GLY A 315 50.38 7.78 -8.32
CA GLY A 315 51.71 7.99 -8.87
C GLY A 315 52.62 8.82 -7.99
N GLY A 316 53.92 8.80 -8.29
CA GLY A 316 54.91 9.62 -7.59
C GLY A 316 54.67 11.12 -7.77
N THR A 317 55.16 11.91 -6.82
CA THR A 317 54.92 13.35 -6.82
C THR A 317 55.80 14.10 -7.83
N THR A 318 56.93 13.50 -8.20
CA THR A 318 57.74 14.00 -9.32
C THR A 318 57.74 12.96 -10.43
N ILE A 319 58.10 13.39 -11.63
CA ILE A 319 58.18 12.51 -12.78
C ILE A 319 59.24 11.44 -12.54
N GLN A 320 60.37 11.86 -11.97
CA GLN A 320 61.47 10.95 -11.70
C GLN A 320 61.09 9.91 -10.66
N GLU A 321 60.44 10.36 -9.58
CA GLU A 321 59.93 9.45 -8.56
C GLU A 321 59.02 8.39 -9.17
N HIS A 322 58.17 8.81 -10.12
CA HIS A 322 57.23 7.90 -10.78
C HIS A 322 57.93 6.88 -11.67
N ARG A 323 58.93 7.32 -12.44
CA ARG A 323 59.67 6.41 -13.32
C ARG A 323 60.37 5.30 -12.53
N GLU A 324 60.93 5.67 -11.38
CA GLU A 324 61.70 4.74 -10.57
C GLU A 324 60.83 3.80 -9.73
N LYS A 325 59.78 4.33 -9.11
CA LYS A 325 58.97 3.56 -8.17
C LYS A 325 57.63 3.08 -8.75
N GLY A 326 57.17 3.73 -9.81
CA GLY A 326 55.96 3.28 -10.51
C GLY A 326 54.69 3.71 -9.79
N GLY A 327 53.56 3.47 -10.43
CA GLY A 327 52.26 3.86 -9.88
C GLY A 327 51.62 2.74 -9.06
N ASN A 328 50.87 3.14 -8.02
CA ASN A 328 50.13 2.21 -7.17
C ASN A 328 48.70 2.03 -7.70
N LEU A 329 48.42 0.85 -8.24
CA LEU A 329 47.12 0.55 -8.89
C LEU A 329 45.94 0.56 -7.92
N ASP A 330 46.16 0.00 -6.73
CA ASP A 330 45.12 -0.08 -5.70
C ASP A 330 44.64 1.28 -5.22
N LYS A 331 45.47 2.32 -5.34
CA LYS A 331 45.13 3.64 -4.85
C LYS A 331 44.85 4.67 -5.95
N ASP A 332 45.20 4.37 -7.19
CA ASP A 332 44.93 5.30 -8.29
C ASP A 332 43.46 5.24 -8.68
N ILE A 333 42.74 6.33 -8.43
CA ILE A 333 41.31 6.40 -8.71
C ILE A 333 40.99 6.26 -10.20
N SER A 334 41.85 6.79 -11.05
CA SER A 334 41.64 6.66 -12.50
C SER A 334 41.72 5.20 -12.95
N TYR A 335 42.70 4.46 -12.45
CA TYR A 335 42.78 3.04 -12.78
C TYR A 335 41.56 2.28 -12.25
N GLN A 336 41.17 2.59 -11.02
CA GLN A 336 39.99 1.97 -10.43
C GLN A 336 38.72 2.20 -11.26
N TYR A 337 38.51 3.44 -11.68
CA TYR A 337 37.33 3.78 -12.50
C TYR A 337 37.39 3.10 -13.86
N LEU A 338 38.58 2.98 -14.44
CA LEU A 338 38.74 2.24 -15.69
C LEU A 338 38.35 0.78 -15.54
N ARG A 339 38.52 0.21 -14.33
CA ARG A 339 38.04 -1.15 -14.07
C ARG A 339 36.52 -1.25 -14.27
N TYR A 340 35.79 -0.18 -13.97
CA TYR A 340 34.35 -0.14 -14.18
C TYR A 340 33.98 0.17 -15.64
N LEU A 341 34.72 1.07 -16.27
CA LEU A 341 34.27 1.67 -17.53
C LEU A 341 34.91 1.11 -18.81
N LEU A 342 36.10 0.53 -18.71
CA LEU A 342 36.82 0.02 -19.88
C LEU A 342 36.49 -1.45 -20.13
N GLU A 343 35.80 -1.74 -21.23
CA GLU A 343 35.35 -3.10 -21.51
C GLU A 343 36.45 -4.03 -22.00
N ASP A 344 37.42 -3.49 -22.74
CA ASP A 344 38.50 -4.30 -23.30
C ASP A 344 39.52 -4.69 -22.23
N ASP A 345 39.61 -5.98 -21.94
CA ASP A 345 40.54 -6.52 -20.94
C ASP A 345 42.02 -6.22 -21.24
N ASN A 346 42.40 -6.42 -22.50
CA ASN A 346 43.78 -6.23 -22.94
C ASN A 346 44.24 -4.78 -22.74
N LYS A 347 43.40 -3.84 -23.16
CA LYS A 347 43.69 -2.42 -22.94
C LYS A 347 43.85 -2.09 -21.45
N LEU A 348 42.95 -2.60 -20.62
CA LEU A 348 43.03 -2.37 -19.17
C LEU A 348 44.33 -2.92 -18.57
N ASN A 349 44.68 -4.14 -18.95
CA ASN A 349 45.89 -4.79 -18.45
C ASN A 349 47.15 -4.09 -18.95
N GLU A 350 47.15 -3.70 -20.22
CA GLU A 350 48.24 -2.93 -20.81
C GLU A 350 48.44 -1.59 -20.09
N ILE A 351 47.34 -0.90 -19.81
CA ILE A 351 47.37 0.35 -19.04
C ILE A 351 47.90 0.09 -17.63
N GLY A 352 47.41 -0.97 -16.99
CA GLY A 352 47.85 -1.35 -15.65
C GLY A 352 49.31 -1.77 -15.61
N GLU A 353 49.76 -2.46 -16.65
CA GLU A 353 51.16 -2.83 -16.79
C GLU A 353 52.05 -1.59 -16.87
N LYS A 354 51.71 -0.67 -17.77
CA LYS A 354 52.53 0.51 -17.99
C LYS A 354 52.54 1.48 -16.80
N TYR A 355 51.41 1.65 -16.14
CA TYR A 355 51.32 2.55 -14.99
C TYR A 355 52.14 2.08 -13.80
N LYS A 356 52.02 0.80 -13.49
CA LYS A 356 52.70 0.21 -12.35
C LYS A 356 54.22 0.20 -12.52
N LYS A 357 54.68 0.05 -13.77
CA LYS A 357 56.12 0.07 -14.10
C LYS A 357 56.68 1.50 -14.15
N GLY A 358 55.79 2.49 -14.25
CA GLY A 358 56.19 3.90 -14.36
C GLY A 358 56.30 4.36 -15.80
N GLU A 359 56.02 3.48 -16.76
CA GLU A 359 56.13 3.80 -18.19
C GLU A 359 55.00 4.71 -18.66
N MET A 360 53.91 4.77 -17.89
CA MET A 360 52.81 5.70 -18.14
C MET A 360 52.70 6.66 -16.96
N LEU A 361 52.58 7.95 -17.23
CA LEU A 361 52.46 8.97 -16.20
C LEU A 361 51.01 9.16 -15.76
N SER A 362 50.81 9.87 -14.66
CA SER A 362 49.47 10.14 -14.11
C SER A 362 48.60 10.93 -15.06
N GLY A 363 49.18 11.95 -15.68
CA GLY A 363 48.46 12.76 -16.66
C GLY A 363 47.85 11.94 -17.78
N GLU A 364 48.58 10.92 -18.23
CA GLU A 364 48.11 10.09 -19.33
C GLU A 364 46.97 9.17 -18.91
N ILE A 365 47.06 8.53 -17.74
CA ILE A 365 45.96 7.65 -17.28
C ILE A 365 44.71 8.46 -16.94
N LYS A 366 44.90 9.65 -16.39
CA LYS A 366 43.79 10.57 -16.14
C LYS A 366 43.11 11.01 -17.44
N LYS A 367 43.92 11.23 -18.48
CA LYS A 367 43.42 11.63 -19.79
C LYS A 367 42.60 10.52 -20.44
N ILE A 368 43.06 9.28 -20.30
CA ILE A 368 42.33 8.12 -20.82
C ILE A 368 40.97 7.99 -20.14
N LEU A 369 40.94 8.18 -18.82
CA LEU A 369 39.69 8.15 -18.08
C LEU A 369 38.73 9.26 -18.49
N ILE A 370 39.27 10.47 -18.68
CA ILE A 370 38.44 11.62 -19.09
C ILE A 370 37.76 11.36 -20.43
N ASP A 371 38.51 10.81 -21.38
CA ASP A 371 37.95 10.46 -22.70
C ASP A 371 36.85 9.41 -22.58
N VAL A 372 37.11 8.38 -21.79
CA VAL A 372 36.14 7.32 -21.56
C VAL A 372 34.88 7.85 -20.87
N LEU A 373 35.07 8.61 -19.79
CA LEU A 373 33.95 9.25 -19.06
C LEU A 373 33.17 10.19 -19.97
N THR A 374 33.90 11.04 -20.67
CA THR A 374 33.27 12.04 -21.54
C THR A 374 32.41 11.36 -22.60
N GLU A 375 32.92 10.31 -23.21
CA GLU A 375 32.14 9.55 -24.19
C GLU A 375 30.87 8.98 -23.54
N LEU A 376 31.01 8.37 -22.37
CA LEU A 376 29.88 7.77 -21.65
C LEU A 376 28.79 8.82 -21.33
N VAL A 377 29.21 9.91 -20.72
CA VAL A 377 28.29 10.97 -20.28
C VAL A 377 27.61 11.65 -21.48
N LEU A 378 28.34 11.88 -22.55
CA LEU A 378 27.76 12.51 -23.75
C LEU A 378 26.75 11.61 -24.43
N LYS A 379 27.06 10.31 -24.53
CA LYS A 379 26.12 9.37 -25.08
C LYS A 379 24.83 9.35 -24.24
N HIS A 380 25.00 9.39 -22.91
CA HIS A 380 23.89 9.38 -21.97
C HIS A 380 23.02 10.62 -22.17
N GLN A 381 23.64 11.79 -22.16
CA GLN A 381 22.93 13.06 -22.36
C GLN A 381 22.17 13.10 -23.68
N GLU A 382 22.81 12.55 -24.72
CA GLU A 382 22.22 12.46 -26.06
C GLU A 382 21.02 11.51 -26.07
N LYS A 383 21.14 10.37 -25.39
CA LYS A 383 20.04 9.42 -25.31
C LYS A 383 18.86 10.03 -24.57
N LYS A 384 19.13 10.63 -23.42
CA LYS A 384 18.12 11.27 -22.58
C LYS A 384 17.33 12.36 -23.32
N LYS A 385 18.05 13.21 -24.04
CA LYS A 385 17.47 14.27 -24.86
C LYS A 385 16.53 13.74 -25.94
N SER A 386 16.87 12.59 -26.53
CA SER A 386 16.07 12.00 -27.61
C SER A 386 14.81 11.27 -27.15
N LEU A 387 14.69 10.97 -25.86
CA LEU A 387 13.55 10.20 -25.34
C LEU A 387 12.21 10.89 -25.56
N THR A 388 11.27 10.19 -26.19
CA THR A 388 9.90 10.69 -26.35
C THR A 388 9.02 10.16 -25.21
N ASP A 389 7.89 10.82 -25.01
CA ASP A 389 6.91 10.40 -24.00
C ASP A 389 6.41 9.00 -24.29
N GLU A 390 6.30 8.68 -25.57
CA GLU A 390 5.85 7.37 -26.02
C GLU A 390 6.86 6.27 -25.65
N GLU A 391 8.14 6.54 -25.89
CA GLU A 391 9.21 5.62 -25.49
C GLU A 391 9.22 5.39 -23.98
N ILE A 392 9.05 6.46 -23.20
CA ILE A 392 9.06 6.36 -21.75
C ILE A 392 7.85 5.54 -21.27
N SER A 393 6.65 5.86 -21.78
CA SER A 393 5.41 5.15 -21.39
C SER A 393 5.50 3.66 -21.61
N TYR A 394 6.13 3.26 -22.71
CA TYR A 394 6.31 1.85 -23.06
C TYR A 394 7.02 1.09 -21.94
N PHE A 395 7.97 1.74 -21.25
CA PHE A 395 8.65 1.10 -20.10
C PHE A 395 7.69 0.76 -18.97
N PHE A 396 6.61 1.54 -18.84
CA PHE A 396 5.62 1.36 -17.79
C PHE A 396 4.47 0.41 -18.13
N ASP A 397 4.53 -0.23 -19.31
CA ASP A 397 3.46 -1.12 -19.78
C ASP A 397 3.71 -2.57 -19.38
N PRO A 398 2.84 -3.14 -18.52
CA PRO A 398 3.03 -4.52 -18.08
C PRO A 398 2.51 -5.56 -19.08
N ASN A 399 1.83 -5.11 -20.13
CA ASN A 399 1.25 -6.04 -21.10
C ASN A 399 2.03 -6.16 -22.41
N LYS A 400 3.31 -5.79 -22.42
CA LYS A 400 4.15 -5.97 -23.62
C LYS A 400 4.21 -7.44 -23.96
N PRO A 401 3.93 -7.81 -25.22
CA PRO A 401 4.06 -9.20 -25.63
C PRO A 401 5.41 -9.84 -25.30
N SER A 402 6.48 -9.07 -25.37
CA SER A 402 7.83 -9.56 -25.04
C SER A 402 8.01 -9.92 -23.56
N LEU A 403 7.32 -9.21 -22.67
CA LEU A 403 7.28 -9.58 -21.26
C LEU A 403 6.35 -10.77 -21.02
N GLN A 404 5.20 -10.79 -21.70
CA GLN A 404 4.18 -11.82 -21.47
C GLN A 404 4.59 -13.23 -21.89
N LYS A 405 5.68 -13.35 -22.66
CA LYS A 405 6.26 -14.64 -23.01
C LYS A 405 6.70 -15.44 -21.78
N PHE A 406 7.05 -14.74 -20.70
CA PHE A 406 7.46 -15.40 -19.46
C PHE A 406 6.30 -15.79 -18.55
N LYS A 407 5.08 -15.46 -18.94
CA LYS A 407 3.91 -15.66 -18.08
C LYS A 407 3.61 -17.13 -17.79
N ASN A 408 3.86 -18.01 -18.76
CA ASN A 408 3.64 -19.45 -18.56
C ASN A 408 4.92 -20.29 -18.49
N MET A 409 6.07 -19.62 -18.41
CA MET A 409 7.33 -20.31 -18.22
C MET A 409 7.59 -20.58 -16.73
N GLY B 21 -29.05 3.80 33.89
CA GLY B 21 -28.82 3.07 32.60
C GLY B 21 -27.57 3.53 31.87
N ILE B 22 -27.70 3.76 30.58
CA ILE B 22 -26.60 4.20 29.73
C ILE B 22 -26.32 5.70 29.87
N ASN B 23 -27.39 6.47 29.98
CA ASN B 23 -27.33 7.94 30.02
C ASN B 23 -26.57 8.53 28.83
N TYR B 24 -27.28 8.65 27.72
CA TYR B 24 -26.67 9.10 26.47
C TYR B 24 -26.38 10.60 26.44
N ASN B 25 -27.18 11.42 27.12
CA ASN B 25 -26.94 12.86 27.21
C ASN B 25 -25.65 13.17 27.96
N LYS B 26 -25.36 12.38 28.99
CA LYS B 26 -24.08 12.43 29.69
C LYS B 26 -22.93 12.07 28.75
N LEU B 27 -23.14 11.08 27.90
CA LEU B 27 -22.13 10.63 26.95
C LEU B 27 -21.88 11.66 25.83
N ILE B 28 -22.94 12.34 25.39
CA ILE B 28 -22.83 13.47 24.46
C ILE B 28 -21.94 14.58 25.02
N LYS B 29 -22.26 15.01 26.23
CA LYS B 29 -21.51 16.06 26.92
C LYS B 29 -20.05 15.67 27.13
N GLU B 30 -19.80 14.40 27.40
CA GLU B 30 -18.46 13.88 27.61
C GLU B 30 -17.62 13.90 26.31
N PHE B 31 -18.20 13.39 25.22
CA PHE B 31 -17.51 13.35 23.93
C PHE B 31 -17.46 14.71 23.21
N GLY B 32 -18.38 15.61 23.55
CA GLY B 32 -18.47 16.91 22.87
C GLY B 32 -19.29 16.89 21.60
N CYS B 33 -20.14 15.87 21.44
CA CYS B 33 -21.10 15.79 20.32
C CYS B 33 -22.24 16.77 20.49
N SER B 34 -23.16 16.77 19.51
CA SER B 34 -24.37 17.58 19.60
C SER B 34 -25.61 16.73 19.40
N LYS B 35 -26.68 17.10 20.07
CA LYS B 35 -27.96 16.40 19.94
C LYS B 35 -28.58 16.70 18.59
N ILE B 36 -29.26 15.72 18.01
CA ILE B 36 -30.13 15.97 16.87
C ILE B 36 -31.45 16.52 17.41
N THR B 37 -31.75 17.77 17.07
CA THR B 37 -32.91 18.50 17.57
C THR B 37 -34.13 18.28 16.68
N GLU B 38 -35.28 18.72 17.17
CA GLU B 38 -36.51 18.67 16.40
C GLU B 38 -36.39 19.50 15.12
N ASN B 39 -35.65 20.60 15.18
CA ASN B 39 -35.45 21.44 14.01
C ASN B 39 -34.57 20.79 12.95
N HIS B 40 -33.59 19.98 13.37
CA HIS B 40 -32.83 19.19 12.41
C HIS B 40 -33.76 18.26 11.66
N ILE B 41 -34.69 17.65 12.38
CA ILE B 41 -35.65 16.70 11.80
C ILE B 41 -36.55 17.41 10.79
N LYS B 42 -37.10 18.56 11.18
CA LYS B 42 -37.93 19.36 10.28
C LYS B 42 -37.16 19.72 9.02
N ARG B 43 -35.89 20.06 9.21
CA ARG B 43 -35.04 20.49 8.12
C ARG B 43 -34.77 19.34 7.14
N ILE B 44 -34.51 18.16 7.68
CA ILE B 44 -34.37 16.95 6.88
C ILE B 44 -35.64 16.64 6.06
N GLU B 45 -36.80 16.75 6.71
CA GLU B 45 -38.08 16.48 6.04
C GLU B 45 -38.35 17.46 4.91
N LYS B 46 -38.00 18.70 5.17
CA LYS B 46 -38.10 19.76 4.18
C LYS B 46 -37.17 19.52 2.98
N LEU B 47 -35.91 19.19 3.24
CA LEU B 47 -34.91 19.04 2.17
C LEU B 47 -35.12 17.78 1.33
N THR B 48 -35.68 16.74 1.93
CA THR B 48 -35.96 15.48 1.25
C THR B 48 -37.41 15.32 0.77
N ASN B 49 -38.27 16.28 1.11
CA ASN B 49 -39.71 16.23 0.77
C ASN B 49 -40.34 14.92 1.22
N SER B 50 -40.00 14.48 2.42
CA SER B 50 -40.39 13.17 2.90
C SER B 50 -40.24 13.09 4.41
N LYS B 51 -41.08 12.29 5.06
CA LYS B 51 -41.00 12.08 6.50
C LYS B 51 -39.62 11.51 6.88
N ALA B 52 -39.10 11.94 8.03
CA ALA B 52 -37.81 11.46 8.50
C ALA B 52 -37.90 10.02 8.96
N HIS B 53 -36.82 9.27 8.79
CA HIS B 53 -36.79 7.87 9.19
C HIS B 53 -37.11 7.71 10.68
N HIS B 54 -37.79 6.62 11.03
CA HIS B 54 -38.15 6.37 12.43
C HIS B 54 -36.94 6.30 13.37
N PHE B 55 -35.78 5.85 12.89
CA PHE B 55 -34.56 5.87 13.70
C PHE B 55 -34.25 7.29 14.19
N ILE B 56 -34.48 8.27 13.34
CA ILE B 56 -34.24 9.67 13.69
C ILE B 56 -35.34 10.20 14.59
N ARG B 57 -36.59 9.89 14.25
CA ARG B 57 -37.73 10.38 15.03
C ARG B 57 -37.81 9.78 16.42
N ARG B 58 -37.29 8.56 16.58
CA ARG B 58 -37.38 7.85 17.86
C ARG B 58 -36.11 7.96 18.68
N GLY B 59 -35.13 8.72 18.18
CA GLY B 59 -33.88 8.92 18.91
C GLY B 59 -32.94 7.73 18.90
N ILE B 60 -33.05 6.88 17.89
CA ILE B 60 -32.11 5.77 17.73
C ILE B 60 -30.79 6.33 17.17
N PHE B 61 -30.86 7.08 16.09
CA PHE B 61 -29.76 7.97 15.70
C PHE B 61 -30.07 9.32 16.34
N PHE B 62 -29.25 9.74 17.30
CA PHE B 62 -29.63 10.80 18.26
C PHE B 62 -28.64 11.96 18.38
N SER B 63 -27.41 11.79 17.89
CA SER B 63 -26.41 12.84 17.99
C SER B 63 -25.60 12.94 16.71
N HIS B 64 -24.77 13.98 16.62
CA HIS B 64 -24.02 14.26 15.42
C HIS B 64 -22.82 15.15 15.68
N ARG B 65 -21.96 15.24 14.68
CA ARG B 65 -21.03 16.36 14.53
C ARG B 65 -21.16 16.92 13.11
N ASP B 66 -21.34 18.24 13.01
CA ASP B 66 -21.42 18.97 11.73
C ASP B 66 -22.58 18.64 10.81
N LEU B 67 -23.69 18.20 11.36
CA LEU B 67 -24.89 17.92 10.58
C LEU B 67 -25.43 19.18 9.91
N ASP B 68 -25.32 20.32 10.57
CA ASP B 68 -25.79 21.58 9.98
C ASP B 68 -24.96 21.98 8.77
N PHE B 69 -23.65 21.79 8.85
CA PHE B 69 -22.81 22.00 7.70
C PHE B 69 -23.33 21.17 6.50
N LEU B 70 -23.63 19.89 6.75
CA LEU B 70 -24.08 18.98 5.70
C LEU B 70 -25.44 19.34 5.11
N LEU B 71 -26.39 19.65 5.98
CA LEU B 71 -27.74 20.00 5.52
C LEU B 71 -27.69 21.30 4.74
N ASN B 72 -26.94 22.26 5.24
CA ASN B 72 -26.76 23.48 4.51
C ASN B 72 -26.02 23.25 3.18
N TYR B 73 -25.05 22.34 3.17
CA TYR B 73 -24.31 22.04 1.94
C TYR B 73 -25.24 21.42 0.90
N TYR B 74 -26.03 20.44 1.32
CA TYR B 74 -27.02 19.81 0.45
C TYR B 74 -28.06 20.81 -0.07
N GLU B 75 -28.52 21.69 0.81
CA GLU B 75 -29.49 22.72 0.43
C GLU B 75 -28.95 23.59 -0.72
N GLN B 76 -27.65 23.94 -0.69
CA GLN B 76 -27.06 24.81 -1.70
C GLN B 76 -26.56 24.06 -2.95
N HIS B 77 -26.05 22.84 -2.78
CA HIS B 77 -25.38 22.11 -3.86
C HIS B 77 -26.01 20.77 -4.26
N LYS B 78 -26.98 20.29 -3.48
CA LYS B 78 -27.68 19.02 -3.75
C LYS B 78 -26.75 17.84 -3.89
N CYS B 79 -25.76 17.80 -3.01
CA CYS B 79 -24.63 16.93 -3.23
C CYS B 79 -23.94 16.59 -1.93
N PHE B 80 -23.86 15.29 -1.64
CA PHE B 80 -22.87 14.73 -0.75
C PHE B 80 -22.79 13.23 -1.02
N TYR B 81 -22.02 12.49 -0.22
CA TYR B 81 -22.11 11.03 -0.27
C TYR B 81 -22.02 10.43 1.11
N ILE B 82 -22.44 9.16 1.17
CA ILE B 82 -22.51 8.40 2.40
C ILE B 82 -21.46 7.31 2.37
N TYR B 83 -20.74 7.17 3.48
CA TYR B 83 -19.70 6.16 3.59
C TYR B 83 -20.02 5.24 4.75
N THR B 84 -20.07 3.95 4.44
CA THR B 84 -20.14 2.97 5.48
C THR B 84 -19.30 1.75 5.09
N GLY B 85 -19.24 0.79 5.98
CA GLY B 85 -18.28 -0.26 5.83
C GLY B 85 -18.60 -1.46 6.67
N ARG B 86 -17.85 -2.51 6.43
CA ARG B 86 -18.13 -3.80 7.02
C ARG B 86 -16.86 -4.65 7.00
N GLY B 87 -16.41 -5.07 8.17
CA GLY B 87 -15.40 -6.13 8.28
C GLY B 87 -16.09 -7.48 8.13
N PRO B 88 -15.64 -8.33 7.19
CA PRO B 88 -16.31 -9.64 7.00
C PRO B 88 -16.29 -10.55 8.22
N SER B 89 -17.46 -10.91 8.73
CA SER B 89 -17.55 -11.72 9.95
C SER B 89 -17.40 -13.20 9.71
N SER B 90 -16.86 -13.87 10.71
CA SER B 90 -16.62 -15.30 10.70
C SER B 90 -17.92 -16.08 10.74
N LEU B 91 -18.91 -15.53 11.44
CA LEU B 91 -20.23 -16.13 11.51
C LEU B 91 -21.18 -15.34 10.62
N SER B 92 -22.40 -15.82 10.50
CA SER B 92 -23.42 -15.09 9.75
C SER B 92 -23.73 -13.76 10.42
N MET B 93 -24.13 -12.79 9.61
CA MET B 93 -24.54 -11.49 10.13
C MET B 93 -25.84 -11.64 10.88
N HIS B 94 -26.02 -10.82 11.91
CA HIS B 94 -27.25 -10.81 12.67
C HIS B 94 -27.90 -9.44 12.51
N LEU B 95 -29.11 -9.31 13.03
CA LEU B 95 -29.94 -8.14 12.81
C LEU B 95 -29.22 -6.83 13.16
N GLY B 96 -28.48 -6.82 14.26
CA GLY B 96 -27.71 -5.65 14.68
C GLY B 96 -26.75 -5.10 13.65
N HIS B 97 -26.19 -5.97 12.82
CA HIS B 97 -25.29 -5.56 11.74
C HIS B 97 -26.03 -4.85 10.60
N LEU B 98 -27.30 -5.16 10.39
CA LEU B 98 -28.04 -4.56 9.28
C LEU B 98 -28.60 -3.18 9.61
N ILE B 99 -28.74 -2.87 10.89
CA ILE B 99 -29.34 -1.60 11.32
C ILE B 99 -28.72 -0.39 10.61
N PRO B 100 -27.37 -0.25 10.65
CA PRO B 100 -26.80 0.89 9.92
C PRO B 100 -27.03 0.86 8.40
N PHE B 101 -27.18 -0.33 7.83
CA PHE B 101 -27.42 -0.44 6.39
C PHE B 101 -28.86 -0.06 6.02
N TYR B 102 -29.80 -0.35 6.91
CA TYR B 102 -31.17 0.10 6.73
C TYR B 102 -31.22 1.61 6.76
N PHE B 103 -30.40 2.21 7.63
CA PHE B 103 -30.33 3.66 7.72
C PHE B 103 -29.68 4.28 6.47
N CYS B 104 -28.62 3.65 5.96
CA CYS B 104 -27.98 4.14 4.73
C CYS B 104 -28.89 4.01 3.51
N LYS B 105 -29.69 2.94 3.47
CA LYS B 105 -30.69 2.77 2.43
C LYS B 105 -31.65 3.95 2.41
N TYR B 106 -32.13 4.34 3.59
CA TYR B 106 -32.99 5.50 3.74
C TYR B 106 -32.29 6.79 3.31
N LEU B 107 -31.05 7.00 3.76
CA LEU B 107 -30.32 8.22 3.43
C LEU B 107 -30.13 8.38 1.91
N GLN B 108 -29.70 7.30 1.24
CA GLN B 108 -29.43 7.39 -0.19
C GLN B 108 -30.70 7.69 -0.97
N GLU B 109 -31.82 7.10 -0.57
CA GLU B 109 -33.11 7.33 -1.24
C GLU B 109 -33.74 8.69 -0.94
N ALA B 110 -33.69 9.12 0.31
CA ALA B 110 -34.31 10.38 0.71
C ALA B 110 -33.54 11.59 0.16
N PHE B 111 -32.21 11.52 0.17
CA PHE B 111 -31.37 12.62 -0.34
C PHE B 111 -30.96 12.43 -1.81
N ASN B 112 -31.08 11.19 -2.31
CA ASN B 112 -30.69 10.88 -3.70
C ASN B 112 -29.19 11.14 -3.92
N VAL B 113 -28.35 10.47 -3.14
CA VAL B 113 -26.91 10.65 -3.21
C VAL B 113 -26.22 9.28 -3.16
N PRO B 114 -24.97 9.21 -3.61
CA PRO B 114 -24.23 7.95 -3.57
C PRO B 114 -23.91 7.40 -2.17
N LEU B 115 -23.85 6.08 -2.10
CA LEU B 115 -23.47 5.33 -0.92
C LEU B 115 -22.29 4.45 -1.33
N VAL B 116 -21.16 4.64 -0.67
CA VAL B 116 -19.99 3.78 -0.88
C VAL B 116 -19.84 2.85 0.32
N ILE B 117 -19.53 1.58 0.04
CA ILE B 117 -19.47 0.57 1.07
C ILE B 117 -18.12 -0.17 1.00
N GLN B 118 -17.33 0.01 2.04
CA GLN B 118 -16.03 -0.64 2.16
C GLN B 118 -16.16 -2.03 2.80
N LEU B 119 -15.63 -3.04 2.13
CA LEU B 119 -15.46 -4.34 2.76
C LEU B 119 -14.00 -4.49 3.10
N SER B 120 -13.72 -4.52 4.40
CA SER B 120 -12.37 -4.44 4.89
C SER B 120 -11.84 -5.85 5.08
N ASP B 121 -11.69 -6.54 3.95
CA ASP B 121 -11.15 -7.89 3.93
C ASP B 121 -9.69 -7.91 4.37
N ASP B 122 -8.97 -6.83 4.06
CA ASP B 122 -7.58 -6.68 4.50
C ASP B 122 -7.49 -6.65 6.03
N GLU B 123 -8.35 -5.87 6.67
CA GLU B 123 -8.44 -5.80 8.13
C GLU B 123 -8.67 -7.18 8.75
N LYS B 124 -9.64 -7.92 8.22
CA LYS B 124 -9.92 -9.26 8.72
C LYS B 124 -8.71 -10.18 8.60
N TYR B 125 -8.00 -10.10 7.48
CA TYR B 125 -6.81 -10.92 7.29
C TYR B 125 -5.73 -10.56 8.30
N LEU B 126 -5.53 -9.26 8.50
CA LEU B 126 -4.48 -8.76 9.39
C LEU B 126 -4.73 -9.03 10.86
N PHE B 127 -6.00 -9.06 11.27
CA PHE B 127 -6.38 -9.18 12.68
C PHE B 127 -6.67 -10.61 13.14
N ASN B 128 -6.83 -11.54 12.20
CA ASN B 128 -7.13 -12.94 12.54
C ASN B 128 -6.01 -13.87 12.09
N GLN B 129 -5.26 -14.35 13.07
CA GLN B 129 -3.98 -15.00 12.83
C GLN B 129 -4.08 -16.20 11.89
N ASN B 130 -5.16 -16.98 12.01
CA ASN B 130 -5.30 -18.23 11.27
C ASN B 130 -6.16 -18.17 10.01
N TYR B 131 -6.59 -16.97 9.61
CA TYR B 131 -7.42 -16.81 8.43
C TYR B 131 -6.55 -16.49 7.23
N SER B 132 -6.84 -17.14 6.11
CA SER B 132 -6.21 -16.85 4.83
C SER B 132 -7.07 -15.84 4.06
N LEU B 133 -6.45 -15.15 3.10
CA LEU B 133 -7.18 -14.26 2.20
C LEU B 133 -8.28 -15.00 1.42
N GLU B 134 -7.97 -16.18 0.92
CA GLU B 134 -8.94 -17.01 0.19
C GLU B 134 -10.18 -17.32 1.04
N TYR B 135 -9.98 -17.75 2.27
CA TYR B 135 -11.09 -18.02 3.18
C TYR B 135 -11.90 -16.75 3.48
N ILE B 136 -11.20 -15.65 3.74
CA ILE B 136 -11.86 -14.37 3.99
C ILE B 136 -12.74 -13.94 2.81
N ASN B 137 -12.30 -14.23 1.60
CA ASN B 137 -13.10 -13.87 0.42
C ASN B 137 -14.44 -14.59 0.38
N THR B 138 -14.49 -15.83 0.86
CA THR B 138 -15.79 -16.54 0.95
C THR B 138 -16.73 -15.83 1.93
N LEU B 139 -16.18 -15.35 3.04
CA LEU B 139 -16.98 -14.61 4.03
C LEU B 139 -17.43 -13.27 3.46
N THR B 140 -16.52 -12.56 2.81
CA THR B 140 -16.84 -11.28 2.19
C THR B 140 -17.99 -11.39 1.19
N ASN B 141 -17.96 -12.40 0.33
CA ASN B 141 -19.00 -12.55 -0.69
C ASN B 141 -20.37 -12.83 -0.08
N GLU B 142 -20.40 -13.59 1.01
CA GLU B 142 -21.66 -13.82 1.73
C GLU B 142 -22.17 -12.55 2.39
N ASN B 143 -21.30 -11.82 3.09
CA ASN B 143 -21.70 -10.54 3.69
C ASN B 143 -22.25 -9.55 2.67
N VAL B 144 -21.63 -9.48 1.50
CA VAL B 144 -22.10 -8.60 0.43
C VAL B 144 -23.54 -8.90 0.04
N LYS B 145 -23.87 -10.18 -0.04
CA LYS B 145 -25.23 -10.59 -0.35
C LYS B 145 -26.23 -10.12 0.69
N ASP B 146 -25.85 -10.21 1.97
CA ASP B 146 -26.71 -9.75 3.05
C ASP B 146 -26.90 -8.24 3.02
N ILE B 147 -25.83 -7.53 2.69
CA ILE B 147 -25.86 -6.08 2.59
C ILE B 147 -26.77 -5.64 1.46
N ILE B 148 -26.59 -6.21 0.27
CA ILE B 148 -27.46 -5.90 -0.86
C ILE B 148 -28.94 -6.22 -0.52
N SER B 149 -29.16 -7.31 0.21
CA SER B 149 -30.52 -7.81 0.48
C SER B 149 -31.36 -6.95 1.43
N VAL B 150 -30.80 -5.89 2.02
CA VAL B 150 -31.63 -4.94 2.75
C VAL B 150 -32.46 -4.07 1.78
N GLY B 151 -32.13 -4.14 0.49
CA GLY B 151 -32.88 -3.41 -0.54
C GLY B 151 -32.17 -2.15 -1.01
N LEU B 152 -30.85 -2.11 -0.93
CA LEU B 152 -30.07 -0.98 -1.43
C LEU B 152 -30.37 -0.72 -2.90
N ASN B 153 -30.40 0.55 -3.28
CA ASN B 153 -30.56 0.95 -4.69
C ASN B 153 -29.26 0.75 -5.46
N PRO B 154 -29.23 -0.23 -6.39
CA PRO B 154 -27.99 -0.50 -7.14
C PRO B 154 -27.42 0.74 -7.83
N GLU B 155 -28.29 1.61 -8.33
CA GLU B 155 -27.85 2.77 -9.12
C GLU B 155 -27.08 3.79 -8.30
N LEU B 156 -27.34 3.87 -6.99
CA LEU B 156 -26.66 4.83 -6.12
C LEU B 156 -25.72 4.17 -5.09
N THR B 157 -25.22 2.98 -5.41
CA THR B 157 -24.35 2.25 -4.48
C THR B 157 -23.05 1.83 -5.17
N PHE B 158 -21.93 1.98 -4.46
CA PHE B 158 -20.66 1.44 -4.91
C PHE B 158 -20.03 0.63 -3.79
N ILE B 159 -19.94 -0.68 -3.99
CA ILE B 159 -19.30 -1.58 -3.04
C ILE B 159 -17.90 -1.91 -3.53
N PHE B 160 -16.93 -1.92 -2.63
CA PHE B 160 -15.57 -2.30 -2.98
C PHE B 160 -14.89 -3.13 -1.89
N LYS B 161 -14.05 -4.05 -2.31
CA LYS B 161 -13.16 -4.77 -1.38
C LYS B 161 -11.83 -4.05 -1.32
N ASN B 162 -11.32 -3.85 -0.11
CA ASN B 162 -10.02 -3.19 0.06
C ASN B 162 -8.90 -3.92 -0.69
N THR B 163 -8.91 -5.25 -0.69
CA THR B 163 -7.91 -6.03 -1.42
C THR B 163 -7.89 -5.71 -2.92
N GLU B 164 -9.03 -5.33 -3.48
CA GLU B 164 -9.15 -5.02 -4.91
C GLU B 164 -9.02 -3.53 -5.22
N TYR B 165 -9.38 -2.68 -4.27
CA TYR B 165 -9.56 -1.25 -4.53
C TYR B 165 -8.42 -0.40 -3.93
N ALA B 166 -7.49 -1.04 -3.23
CA ALA B 166 -6.42 -0.34 -2.53
C ALA B 166 -5.64 0.65 -3.38
N GLY B 167 -5.42 0.33 -4.66
CA GLY B 167 -4.71 1.21 -5.57
C GLY B 167 -5.34 2.60 -5.74
N TYR B 168 -6.67 2.66 -5.65
CA TYR B 168 -7.40 3.93 -5.70
C TYR B 168 -7.30 4.69 -4.40
N LEU B 169 -7.15 3.97 -3.29
CA LEU B 169 -7.05 4.58 -1.99
C LEU B 169 -5.63 5.07 -1.65
N TYR B 170 -4.62 4.49 -2.31
CA TYR B 170 -3.23 4.56 -1.81
C TYR B 170 -2.63 5.98 -1.70
N PRO B 171 -2.78 6.83 -2.73
CA PRO B 171 -2.22 8.19 -2.59
C PRO B 171 -2.81 8.95 -1.40
N THR B 172 -4.11 8.80 -1.16
CA THR B 172 -4.76 9.37 0.00
C THR B 172 -4.24 8.73 1.29
N VAL B 173 -4.17 7.39 1.31
CA VAL B 173 -3.64 6.65 2.44
C VAL B 173 -2.23 7.15 2.82
N LEU B 174 -1.39 7.40 1.82
CA LEU B 174 -0.04 7.89 2.10
C LEU B 174 -0.04 9.20 2.86
N SER B 175 -0.93 10.09 2.47
CA SER B 175 -1.03 11.39 3.12
C SER B 175 -1.51 11.26 4.55
N ILE B 176 -2.44 10.34 4.78
CA ILE B 176 -2.95 10.04 6.10
C ILE B 176 -1.88 9.40 7.00
N HIS B 177 -1.19 8.38 6.46
CA HIS B 177 -0.01 7.80 7.12
C HIS B 177 0.95 8.88 7.60
N LYS B 178 1.33 9.77 6.68
CA LYS B 178 2.36 10.77 6.95
C LYS B 178 1.97 11.68 8.11
N LYS B 179 0.67 11.88 8.29
CA LYS B 179 0.15 12.75 9.34
C LYS B 179 -0.37 11.99 10.57
N THR B 180 -0.04 10.70 10.69
CA THR B 180 -0.44 9.90 11.86
C THR B 180 0.80 9.31 12.49
N THR B 181 1.18 9.78 13.69
CA THR B 181 2.32 9.20 14.39
C THR B 181 1.98 7.82 14.93
N LEU B 182 3.00 7.02 15.19
CA LEU B 182 2.82 5.74 15.84
C LEU B 182 2.13 5.92 17.19
N ASN B 183 2.54 6.93 17.95
CA ASN B 183 1.90 7.25 19.22
C ASN B 183 0.39 7.40 19.11
N GLN B 184 -0.04 8.21 18.15
CA GLN B 184 -1.46 8.46 17.90
C GLN B 184 -2.24 7.17 17.54
N SER B 185 -1.69 6.37 16.62
CA SER B 185 -2.33 5.12 16.24
C SER B 185 -2.46 4.18 17.44
N MET B 186 -1.37 4.00 18.19
CA MET B 186 -1.38 3.10 19.34
C MET B 186 -2.34 3.57 20.44
N ASN B 187 -2.27 4.86 20.78
CA ASN B 187 -3.15 5.44 21.79
CA ASN B 187 -3.16 5.42 21.80
C ASN B 187 -4.64 5.34 21.41
N VAL B 188 -4.95 5.65 20.15
CA VAL B 188 -6.36 5.68 19.73
C VAL B 188 -6.95 4.27 19.62
N PHE B 189 -6.20 3.34 19.03
CA PHE B 189 -6.71 2.00 18.79
C PHE B 189 -6.30 0.94 19.82
N GLY B 190 -5.46 1.30 20.78
CA GLY B 190 -5.06 0.35 21.82
C GLY B 190 -4.09 -0.74 21.35
N PHE B 191 -3.32 -0.47 20.29
CA PHE B 191 -2.31 -1.44 19.83
C PHE B 191 -1.18 -1.61 20.83
N ASN B 192 -0.51 -2.75 20.75
CA ASN B 192 0.70 -3.02 21.53
C ASN B 192 1.84 -3.42 20.60
N HIS B 193 3.03 -3.63 21.16
CA HIS B 193 4.23 -3.83 20.37
C HIS B 193 4.35 -5.21 19.72
N SER B 194 3.52 -6.16 20.15
CA SER B 194 3.44 -7.47 19.52
C SER B 194 2.49 -7.47 18.33
N ASP B 195 1.71 -6.40 18.14
CA ASP B 195 0.81 -6.34 17.01
C ASP B 195 1.59 -6.16 15.72
N ASN B 196 1.15 -6.84 14.66
CA ASN B 196 1.82 -6.76 13.38
C ASN B 196 1.62 -5.37 12.76
N ILE B 197 2.54 -4.98 11.89
CA ILE B 197 2.56 -3.63 11.33
C ILE B 197 1.43 -3.36 10.35
N GLY B 198 0.78 -4.43 9.90
CA GLY B 198 -0.48 -4.29 9.19
C GLY B 198 -1.57 -3.70 10.07
N LYS B 199 -1.73 -4.21 11.28
CA LYS B 199 -2.74 -3.67 12.21
C LYS B 199 -2.45 -2.20 12.47
N ILE B 200 -1.19 -1.88 12.73
CA ILE B 200 -0.77 -0.53 13.09
C ILE B 200 -1.11 0.49 12.01
N SER B 201 -0.96 0.10 10.76
CA SER B 201 -1.15 1.02 9.65
C SER B 201 -2.51 0.89 8.97
N TYR B 202 -3.28 -0.12 9.36
CA TYR B 202 -4.59 -0.30 8.77
C TYR B 202 -5.57 0.91 8.90
N PRO B 203 -5.58 1.61 10.05
CA PRO B 203 -6.59 2.66 10.23
C PRO B 203 -6.65 3.72 9.12
N SER B 204 -5.51 4.03 8.49
CA SER B 204 -5.51 4.94 7.35
C SER B 204 -6.46 4.49 6.23
N PHE B 205 -6.53 3.18 6.00
CA PHE B 205 -7.39 2.63 4.96
C PHE B 205 -8.87 2.78 5.30
N GLN B 206 -9.18 2.85 6.59
CA GLN B 206 -10.55 3.05 7.05
C GLN B 206 -10.93 4.55 7.03
N ILE B 207 -9.93 5.41 7.13
CA ILE B 207 -10.14 6.84 7.10
C ILE B 207 -10.29 7.32 5.64
N ALA B 208 -9.48 6.78 4.75
CA ALA B 208 -9.35 7.26 3.36
C ALA B 208 -10.67 7.52 2.63
N PRO B 209 -11.65 6.61 2.74
CA PRO B 209 -12.88 6.79 1.96
C PRO B 209 -13.79 7.94 2.42
N CYS B 210 -13.43 8.60 3.51
CA CYS B 210 -14.08 9.85 3.93
C CYS B 210 -13.78 10.97 2.95
N PHE B 211 -12.80 10.77 2.06
CA PHE B 211 -12.36 11.79 1.13
C PHE B 211 -12.65 11.37 -0.30
N SER B 212 -13.50 12.17 -0.96
CA SER B 212 -14.12 11.81 -2.22
C SER B 212 -13.12 11.61 -3.35
N GLN B 213 -11.93 12.20 -3.21
CA GLN B 213 -10.82 11.94 -4.15
C GLN B 213 -10.49 10.44 -4.30
N CYS B 214 -10.96 9.60 -3.38
CA CYS B 214 -10.79 8.15 -3.48
C CYS B 214 -11.71 7.48 -4.50
N PHE B 215 -12.65 8.25 -5.05
CA PHE B 215 -13.62 7.70 -6.00
C PHE B 215 -13.69 8.56 -7.27
N PRO B 216 -12.55 8.69 -7.98
CA PRO B 216 -12.50 9.58 -9.16
C PRO B 216 -13.40 9.18 -10.34
N ASN B 217 -13.87 7.92 -10.36
CA ASN B 217 -14.77 7.51 -11.45
C ASN B 217 -16.17 8.15 -11.35
N PHE B 218 -16.57 8.63 -10.18
CA PHE B 218 -17.93 9.19 -10.04
C PHE B 218 -18.14 10.34 -9.06
N LEU B 219 -17.11 10.72 -8.30
CA LEU B 219 -17.23 11.89 -7.42
C LEU B 219 -16.21 12.95 -7.77
N GLY B 220 -16.60 14.21 -7.59
CA GLY B 220 -15.68 15.33 -7.63
C GLY B 220 -14.81 15.32 -6.39
N LYS B 221 -13.80 16.17 -6.39
CA LYS B 221 -12.91 16.28 -5.25
C LYS B 221 -13.58 17.07 -4.14
N ASN B 222 -13.22 16.72 -2.92
CA ASN B 222 -13.67 17.41 -1.72
C ASN B 222 -15.19 17.63 -1.60
N ILE B 223 -15.94 16.57 -1.85
CA ILE B 223 -17.40 16.54 -1.61
C ILE B 223 -17.63 16.03 -0.18
N PRO B 224 -18.50 16.70 0.61
CA PRO B 224 -18.76 16.22 1.98
C PRO B 224 -19.23 14.78 2.06
N CYS B 225 -18.84 14.13 3.15
CA CYS B 225 -19.08 12.72 3.40
C CYS B 225 -19.85 12.56 4.70
N LEU B 226 -20.93 11.77 4.69
CA LEU B 226 -21.69 11.47 5.91
C LEU B 226 -21.42 10.03 6.33
N VAL B 227 -21.03 9.85 7.59
CA VAL B 227 -20.63 8.54 8.11
C VAL B 227 -21.47 8.18 9.33
N PRO B 228 -22.51 7.35 9.13
CA PRO B 228 -23.27 6.84 10.28
C PRO B 228 -22.47 5.86 11.10
N GLN B 229 -22.52 5.98 12.42
CA GLN B 229 -21.86 4.98 13.27
C GLN B 229 -22.46 4.97 14.67
N GLY B 230 -22.02 4.00 15.47
CA GLY B 230 -22.38 3.94 16.87
C GLY B 230 -21.70 5.05 17.66
N ILE B 231 -22.39 5.56 18.67
CA ILE B 231 -21.80 6.56 19.58
C ILE B 231 -20.46 6.09 20.16
N ASP B 232 -20.33 4.79 20.40
CA ASP B 232 -19.10 4.18 20.90
C ASP B 232 -17.89 4.30 19.95
N GLN B 233 -18.15 4.59 18.68
CA GLN B 233 -17.08 4.73 17.68
C GLN B 233 -16.55 6.17 17.56
N ASP B 234 -17.20 7.12 18.22
CA ASP B 234 -16.82 8.53 18.11
C ASP B 234 -15.37 8.82 18.46
N PRO B 235 -14.85 8.24 19.58
CA PRO B 235 -13.43 8.46 19.92
C PRO B 235 -12.47 8.05 18.80
N TYR B 236 -12.79 6.97 18.09
CA TYR B 236 -11.95 6.52 16.99
C TYR B 236 -12.12 7.42 15.79
N PHE B 237 -13.36 7.82 15.53
CA PHE B 237 -13.68 8.66 14.39
C PHE B 237 -13.11 10.07 14.46
N ARG B 238 -12.87 10.56 15.67
CA ARG B 238 -12.19 11.85 15.85
CA ARG B 238 -12.14 11.82 15.91
C ARG B 238 -10.87 11.92 15.11
N LEU B 239 -10.15 10.79 15.02
CA LEU B 239 -8.92 10.76 14.26
C LEU B 239 -9.18 11.14 12.79
N SER B 240 -10.26 10.65 12.19
CA SER B 240 -10.62 11.01 10.81
C SER B 240 -10.81 12.52 10.64
N ARG B 241 -11.46 13.13 11.62
CA ARG B 241 -11.80 14.55 11.53
C ARG B 241 -10.55 15.41 11.73
N ASP B 242 -9.71 15.02 12.68
CA ASP B 242 -8.42 15.68 12.87
C ASP B 242 -7.52 15.59 11.63
N ILE B 243 -7.48 14.41 10.99
CA ILE B 243 -6.68 14.20 9.80
C ILE B 243 -7.17 15.07 8.64
N ALA B 244 -8.49 15.15 8.48
CA ALA B 244 -9.08 16.00 7.45
C ALA B 244 -8.61 17.45 7.55
N VAL B 245 -8.51 17.98 8.77
CA VAL B 245 -8.02 19.35 8.97
C VAL B 245 -6.59 19.48 8.45
N LYS B 246 -5.73 18.52 8.79
CA LYS B 246 -4.33 18.56 8.34
C LYS B 246 -4.19 18.39 6.82
N MET B 247 -5.16 17.72 6.21
CA MET B 247 -5.17 17.53 4.76
C MET B 247 -5.87 18.66 4.01
N ALA B 248 -6.42 19.62 4.73
CA ALA B 248 -7.14 20.73 4.15
C ALA B 248 -8.30 20.23 3.30
N LEU B 249 -9.03 19.27 3.85
CA LEU B 249 -10.23 18.71 3.20
C LEU B 249 -11.39 18.81 4.18
N HIS B 250 -12.62 18.73 3.70
CA HIS B 250 -13.76 18.74 4.61
C HIS B 250 -13.65 17.63 5.66
N LYS B 251 -14.03 17.96 6.89
CA LYS B 251 -14.17 16.96 7.93
C LYS B 251 -15.39 16.09 7.65
N PRO B 252 -15.23 14.77 7.78
CA PRO B 252 -16.41 13.91 7.61
C PRO B 252 -17.47 14.14 8.68
N VAL B 253 -18.72 14.16 8.25
CA VAL B 253 -19.85 14.43 9.12
C VAL B 253 -20.29 13.11 9.73
N VAL B 254 -20.71 13.14 10.98
CA VAL B 254 -21.12 11.91 11.65
C VAL B 254 -22.48 12.06 12.32
N VAL B 255 -23.30 11.02 12.20
CA VAL B 255 -24.49 10.84 13.02
C VAL B 255 -24.34 9.54 13.79
N HIS B 256 -24.63 9.59 15.09
CA HIS B 256 -24.38 8.46 16.00
C HIS B 256 -25.66 7.76 16.40
N SER B 257 -25.59 6.44 16.51
CA SER B 257 -26.69 5.65 17.04
C SER B 257 -26.41 5.13 18.45
N VAL B 258 -27.48 4.81 19.16
CA VAL B 258 -27.38 4.10 20.44
C VAL B 258 -26.91 2.66 20.21
N PHE B 259 -26.45 2.02 21.28
CA PHE B 259 -26.18 0.58 21.26
C PHE B 259 -27.51 -0.13 21.05
N MET B 260 -27.58 -1.02 20.07
CA MET B 260 -28.72 -1.91 20.01
C MET B 260 -28.45 -3.08 20.95
N PRO B 261 -29.33 -3.25 21.95
CA PRO B 261 -29.05 -4.23 22.99
C PRO B 261 -29.24 -5.67 22.49
N GLY B 262 -28.56 -6.61 23.15
CA GLY B 262 -28.79 -8.02 22.91
C GLY B 262 -30.12 -8.43 23.53
N LEU B 263 -30.55 -9.66 23.23
CA LEU B 263 -31.85 -10.13 23.69
C LEU B 263 -31.97 -10.21 25.22
N GLN B 264 -30.84 -10.42 25.89
CA GLN B 264 -30.86 -10.79 27.32
C GLN B 264 -30.90 -9.60 28.27
N GLY B 265 -30.39 -8.45 27.84
CA GLY B 265 -30.38 -7.25 28.68
C GLY B 265 -30.16 -5.98 27.88
N VAL B 266 -30.86 -4.92 28.28
CA VAL B 266 -30.73 -3.62 27.62
C VAL B 266 -29.37 -2.97 27.84
N ASN B 267 -28.75 -3.23 28.99
CA ASN B 267 -27.44 -2.66 29.33
C ASN B 267 -26.29 -3.35 28.59
N HIS B 289 -24.70 -15.96 23.97
CA HIS B 289 -23.88 -16.28 22.81
C HIS B 289 -24.71 -16.14 21.54
N ASN B 290 -25.20 -17.27 21.01
CA ASN B 290 -26.06 -17.28 19.83
C ASN B 290 -27.52 -17.01 20.18
N ASN B 291 -27.88 -17.16 21.46
CA ASN B 291 -29.22 -16.84 21.95
C ASN B 291 -29.38 -15.37 22.35
N SER B 292 -28.36 -14.57 22.08
CA SER B 292 -28.41 -13.15 22.37
C SER B 292 -28.65 -12.33 21.09
N VAL B 293 -28.61 -12.96 19.93
CA VAL B 293 -28.84 -12.28 18.65
C VAL B 293 -29.73 -13.07 17.70
N ILE B 294 -30.31 -12.37 16.75
CA ILE B 294 -31.09 -12.96 15.68
C ILE B 294 -30.24 -13.00 14.43
N PHE B 295 -29.72 -14.18 14.08
CA PHE B 295 -29.00 -14.36 12.84
C PHE B 295 -29.98 -14.30 11.66
N LEU B 296 -29.48 -13.86 10.51
CA LEU B 296 -30.29 -13.73 9.31
C LEU B 296 -30.55 -15.07 8.64
N THR B 297 -29.80 -16.10 9.05
CA THR B 297 -30.04 -17.47 8.63
C THR B 297 -30.95 -18.25 9.59
N ASP B 298 -31.42 -17.61 10.66
CA ASP B 298 -32.31 -18.26 11.62
C ASP B 298 -33.66 -18.54 10.98
N THR B 299 -34.23 -19.69 11.31
CA THR B 299 -35.56 -20.07 10.83
C THR B 299 -36.64 -19.40 11.70
N PRO B 300 -37.89 -19.38 11.20
CA PRO B 300 -39.04 -18.92 11.99
C PRO B 300 -39.15 -19.55 13.38
N GLU B 301 -38.95 -20.87 13.46
CA GLU B 301 -38.98 -21.59 14.74
C GLU B 301 -37.82 -21.20 15.68
N GLN B 302 -36.64 -21.01 15.12
CA GLN B 302 -35.48 -20.57 15.91
C GLN B 302 -35.70 -19.16 16.48
N ILE B 303 -36.31 -18.28 15.68
CA ILE B 303 -36.65 -16.93 16.12
C ILE B 303 -37.71 -16.95 17.21
N LYS B 304 -38.75 -17.76 17.01
CA LYS B 304 -39.81 -17.92 17.99
C LYS B 304 -39.23 -18.30 19.36
N ASN B 305 -38.39 -19.33 19.37
CA ASN B 305 -37.82 -19.84 20.62
C ASN B 305 -36.89 -18.83 21.31
N LYS B 306 -36.05 -18.17 20.53
CA LYS B 306 -35.14 -17.16 21.08
C LYS B 306 -35.89 -16.02 21.76
N ILE B 307 -36.95 -15.52 21.13
CA ILE B 307 -37.73 -14.44 21.71
C ILE B 307 -38.48 -14.92 22.96
N ASN B 308 -39.20 -16.04 22.84
CA ASN B 308 -39.99 -16.58 23.96
C ASN B 308 -39.14 -16.96 25.17
N LYS B 309 -38.03 -17.66 24.94
CA LYS B 309 -37.18 -18.16 26.02
C LYS B 309 -36.13 -17.16 26.54
N TYR B 310 -35.50 -16.41 25.63
CA TYR B 310 -34.30 -15.63 25.98
C TYR B 310 -34.45 -14.09 25.96
N ALA B 311 -35.51 -13.56 25.36
CA ALA B 311 -35.70 -12.11 25.33
C ALA B 311 -36.22 -11.61 26.68
N PHE B 312 -35.57 -10.58 27.22
CA PHE B 312 -35.92 -10.05 28.53
C PHE B 312 -37.29 -9.36 28.50
N SER B 313 -38.12 -9.65 29.50
CA SER B 313 -39.47 -9.09 29.60
C SER B 313 -39.55 -7.99 30.65
N GLY B 314 -40.34 -6.96 30.35
CA GLY B 314 -40.63 -5.89 31.31
C GLY B 314 -41.94 -6.16 32.01
N ASN B 328 -42.88 -2.41 32.00
CA ASN B 328 -41.81 -1.43 31.91
C ASN B 328 -41.25 -1.38 30.48
N LEU B 329 -41.54 -0.29 29.78
CA LEU B 329 -41.16 -0.13 28.36
C LEU B 329 -39.65 -0.03 28.17
N ASP B 330 -38.98 0.70 29.07
CA ASP B 330 -37.53 0.89 28.99
C ASP B 330 -36.73 -0.41 29.11
N LYS B 331 -37.30 -1.43 29.76
CA LYS B 331 -36.60 -2.69 29.98
C LYS B 331 -37.12 -3.88 29.17
N ASP B 332 -38.30 -3.75 28.54
CA ASP B 332 -38.83 -4.81 27.71
C ASP B 332 -38.12 -4.85 26.35
N ILE B 333 -37.35 -5.91 26.12
CA ILE B 333 -36.58 -6.06 24.90
C ILE B 333 -37.46 -6.12 23.65
N SER B 334 -38.63 -6.74 23.76
CA SER B 334 -39.55 -6.81 22.63
C SER B 334 -40.04 -5.42 22.22
N TYR B 335 -40.41 -4.59 23.18
CA TYR B 335 -40.82 -3.22 22.87
C TYR B 335 -39.67 -2.44 22.25
N GLN B 336 -38.48 -2.60 22.81
CA GLN B 336 -37.29 -1.92 22.29
C GLN B 336 -37.03 -2.30 20.83
N TYR B 337 -37.10 -3.59 20.51
CA TYR B 337 -36.87 -4.05 19.14
C TYR B 337 -37.95 -3.53 18.19
N LEU B 338 -39.19 -3.46 18.67
CA LEU B 338 -40.28 -2.90 17.86
C LEU B 338 -40.02 -1.41 17.53
N ARG B 339 -39.30 -0.71 18.40
CA ARG B 339 -38.87 0.67 18.09
C ARG B 339 -37.99 0.72 16.82
N TYR B 340 -37.19 -0.32 16.61
CA TYR B 340 -36.38 -0.43 15.39
C TYR B 340 -37.17 -0.91 14.19
N LEU B 341 -38.07 -1.88 14.40
CA LEU B 341 -38.63 -2.65 13.30
C LEU B 341 -40.02 -2.23 12.83
N LEU B 342 -40.79 -1.59 13.71
CA LEU B 342 -42.15 -1.19 13.37
C LEU B 342 -42.18 0.23 12.81
N GLU B 343 -42.51 0.37 11.54
CA GLU B 343 -42.51 1.69 10.88
C GLU B 343 -43.71 2.56 11.27
N ASP B 344 -44.86 1.94 11.51
CA ASP B 344 -46.08 2.67 11.85
C ASP B 344 -46.04 3.21 13.28
N ASP B 345 -46.01 4.53 13.42
CA ASP B 345 -45.96 5.20 14.73
C ASP B 345 -47.17 4.88 15.61
N ASN B 346 -48.37 4.91 15.02
CA ASN B 346 -49.60 4.67 15.76
C ASN B 346 -49.65 3.27 16.36
N LYS B 347 -49.28 2.26 15.57
CA LYS B 347 -49.20 0.89 16.07
C LYS B 347 -48.23 0.75 17.23
N LEU B 348 -47.05 1.37 17.10
CA LEU B 348 -46.05 1.33 18.16
C LEU B 348 -46.55 1.97 19.45
N ASN B 349 -47.18 3.14 19.33
CA ASN B 349 -47.70 3.86 20.49
C ASN B 349 -48.88 3.12 21.14
N GLU B 350 -49.76 2.56 20.31
CA GLU B 350 -50.87 1.73 20.78
C GLU B 350 -50.37 0.50 21.56
N ILE B 351 -49.35 -0.16 21.02
CA ILE B 351 -48.73 -1.29 21.71
C ILE B 351 -48.08 -0.82 23.02
N GLY B 352 -47.38 0.30 22.98
CA GLY B 352 -46.74 0.86 24.17
C GLY B 352 -47.75 1.32 25.21
N GLU B 353 -48.88 1.84 24.76
CA GLU B 353 -49.98 2.22 25.65
C GLU B 353 -50.54 1.01 26.38
N LYS B 354 -50.87 -0.03 25.63
CA LYS B 354 -51.48 -1.23 26.19
C LYS B 354 -50.56 -2.00 27.13
N TYR B 355 -49.27 -2.10 26.78
CA TYR B 355 -48.31 -2.84 27.59
C TYR B 355 -48.06 -2.17 28.95
N LYS B 356 -47.88 -0.86 28.93
CA LYS B 356 -47.58 -0.10 30.16
C LYS B 356 -48.76 -0.12 31.13
N LYS B 357 -49.98 -0.13 30.59
CA LYS B 357 -51.21 -0.17 31.39
C LYS B 357 -51.51 -1.57 31.93
N GLY B 358 -50.88 -2.59 31.33
CA GLY B 358 -51.11 -3.98 31.71
C GLY B 358 -52.20 -4.64 30.87
N GLU B 359 -52.76 -3.90 29.91
CA GLU B 359 -53.83 -4.42 29.05
C GLU B 359 -53.31 -5.42 28.01
N MET B 360 -52.00 -5.40 27.76
CA MET B 360 -51.34 -6.39 26.92
C MET B 360 -50.33 -7.16 27.76
N LEU B 361 -50.33 -8.48 27.63
CA LEU B 361 -49.39 -9.35 28.35
C LEU B 361 -48.08 -9.50 27.59
N SER B 362 -47.07 -10.06 28.27
CA SER B 362 -45.75 -10.29 27.67
C SER B 362 -45.78 -11.23 26.48
N GLY B 363 -46.53 -12.32 26.60
CA GLY B 363 -46.69 -13.28 25.53
C GLY B 363 -47.18 -12.64 24.24
N GLU B 364 -48.08 -11.67 24.36
CA GLU B 364 -48.64 -10.99 23.19
C GLU B 364 -47.64 -10.05 22.51
N ILE B 365 -46.90 -9.26 23.30
CA ILE B 365 -45.90 -8.34 22.71
C ILE B 365 -44.73 -9.12 22.09
N LYS B 366 -44.35 -10.22 22.74
CA LYS B 366 -43.34 -11.13 22.19
C LYS B 366 -43.80 -11.76 20.88
N LYS B 367 -45.09 -12.10 20.81
CA LYS B 367 -45.68 -12.70 19.62
C LYS B 367 -45.70 -11.70 18.45
N ILE B 368 -46.01 -10.44 18.74
CA ILE B 368 -45.99 -9.38 17.73
C ILE B 368 -44.58 -9.22 17.17
N LEU B 369 -43.59 -9.21 18.06
CA LEU B 369 -42.19 -9.09 17.64
C LEU B 369 -41.75 -10.27 16.78
N ILE B 370 -42.15 -11.48 17.16
CA ILE B 370 -41.80 -12.69 16.42
C ILE B 370 -42.35 -12.64 15.00
N ASP B 371 -43.59 -12.20 14.85
CA ASP B 371 -44.19 -12.04 13.52
C ASP B 371 -43.45 -11.00 12.68
N VAL B 372 -43.13 -9.85 13.29
CA VAL B 372 -42.40 -8.78 12.61
C VAL B 372 -41.00 -9.24 12.21
N LEU B 373 -40.28 -9.84 13.15
CA LEU B 373 -38.95 -10.40 12.89
C LEU B 373 -38.99 -11.46 11.81
N THR B 374 -39.93 -12.40 11.95
CA THR B 374 -40.05 -13.50 11.02
C THR B 374 -40.30 -12.98 9.60
N GLU B 375 -41.19 -12.01 9.47
CA GLU B 375 -41.45 -11.40 8.16
C GLU B 375 -40.16 -10.79 7.61
N LEU B 376 -39.46 -10.01 8.43
CA LEU B 376 -38.22 -9.33 8.01
C LEU B 376 -37.16 -10.32 7.53
N VAL B 377 -36.90 -11.33 8.36
CA VAL B 377 -35.88 -12.34 8.06
C VAL B 377 -36.24 -13.16 6.82
N LEU B 378 -37.52 -13.53 6.67
CA LEU B 378 -37.96 -14.29 5.49
C LEU B 378 -37.88 -13.46 4.20
N LYS B 379 -38.25 -12.19 4.26
CA LYS B 379 -38.09 -11.29 3.10
C LYS B 379 -36.61 -11.20 2.71
N HIS B 380 -35.76 -11.07 3.71
CA HIS B 380 -34.32 -10.98 3.51
C HIS B 380 -33.79 -12.24 2.84
N GLN B 381 -34.11 -13.40 3.41
CA GLN B 381 -33.69 -14.70 2.87
C GLN B 381 -34.17 -14.90 1.43
N GLU B 382 -35.40 -14.46 1.16
CA GLU B 382 -36.01 -14.51 -0.18
C GLU B 382 -35.26 -13.62 -1.16
N LYS B 383 -34.91 -12.41 -0.73
CA LYS B 383 -34.16 -11.48 -1.59
C LYS B 383 -32.77 -12.04 -1.91
N LYS B 384 -32.09 -12.50 -0.86
CA LYS B 384 -30.74 -13.08 -0.99
C LYS B 384 -30.70 -14.26 -1.96
N LYS B 385 -31.68 -15.16 -1.84
CA LYS B 385 -31.82 -16.32 -2.72
C LYS B 385 -32.00 -15.95 -4.19
N SER B 386 -32.71 -14.85 -4.44
CA SER B 386 -32.98 -14.41 -5.82
C SER B 386 -31.81 -13.67 -6.49
N LEU B 387 -30.81 -13.25 -5.73
CA LEU B 387 -29.68 -12.49 -6.30
C LEU B 387 -28.87 -13.27 -7.32
N THR B 388 -28.69 -12.68 -8.50
CA THR B 388 -27.81 -13.26 -9.52
C THR B 388 -26.41 -12.67 -9.41
N ASP B 389 -25.43 -13.38 -9.99
CA ASP B 389 -24.05 -12.90 -10.04
C ASP B 389 -23.94 -11.57 -10.76
N GLU B 390 -24.79 -11.39 -11.77
CA GLU B 390 -24.83 -10.15 -12.55
C GLU B 390 -25.32 -8.97 -11.71
N GLU B 391 -26.38 -9.18 -10.92
CA GLU B 391 -26.89 -8.16 -10.00
C GLU B 391 -25.83 -7.77 -8.98
N ILE B 392 -25.11 -8.76 -8.45
CA ILE B 392 -24.08 -8.50 -7.45
C ILE B 392 -22.91 -7.70 -8.06
N SER B 393 -22.40 -8.15 -9.20
CA SER B 393 -21.31 -7.46 -9.90
C SER B 393 -21.58 -5.99 -10.16
N TYR B 394 -22.83 -5.68 -10.50
CA TYR B 394 -23.24 -4.31 -10.79
C TYR B 394 -22.97 -3.38 -9.59
N PHE B 395 -23.10 -3.90 -8.37
CA PHE B 395 -22.81 -3.08 -7.17
C PHE B 395 -21.34 -2.67 -7.10
N PHE B 396 -20.47 -3.47 -7.71
CA PHE B 396 -19.03 -3.22 -7.72
C PHE B 396 -18.54 -2.37 -8.90
N ASP B 397 -19.46 -1.85 -9.72
CA ASP B 397 -19.13 -1.05 -10.89
C ASP B 397 -19.10 0.46 -10.58
N PRO B 398 -17.92 1.09 -10.67
CA PRO B 398 -17.82 2.53 -10.38
C PRO B 398 -18.28 3.45 -11.52
N ASN B 399 -18.56 2.89 -12.70
CA ASN B 399 -18.90 3.71 -13.87
C ASN B 399 -20.39 3.78 -14.21
N LYS B 400 -21.26 3.46 -13.25
CA LYS B 400 -22.71 3.56 -13.46
C LYS B 400 -23.09 5.01 -13.78
N PRO B 401 -23.86 5.25 -14.85
CA PRO B 401 -24.28 6.62 -15.16
C PRO B 401 -24.96 7.36 -14.01
N SER B 402 -25.73 6.66 -13.18
CA SER B 402 -26.40 7.32 -12.04
C SER B 402 -25.40 7.78 -10.99
N LEU B 403 -24.29 7.06 -10.81
CA LEU B 403 -23.22 7.51 -9.93
C LEU B 403 -22.47 8.68 -10.55
N GLN B 404 -22.20 8.60 -11.85
CA GLN B 404 -21.37 9.60 -12.53
C GLN B 404 -22.00 11.00 -12.63
N LYS B 405 -23.29 11.12 -12.36
CA LYS B 405 -23.98 12.44 -12.26
C LYS B 405 -23.34 13.37 -11.22
N PHE B 406 -22.78 12.76 -10.17
CA PHE B 406 -22.18 13.52 -9.09
C PHE B 406 -20.72 13.90 -9.37
N LYS B 407 -20.18 13.46 -10.50
CA LYS B 407 -18.77 13.66 -10.83
C LYS B 407 -18.35 15.12 -11.00
N ASN B 408 -19.24 15.95 -11.52
CA ASN B 408 -18.96 17.39 -11.65
C ASN B 408 -19.77 18.29 -10.71
N MET B 409 -20.47 17.70 -9.73
CA MET B 409 -21.22 18.49 -8.73
C MET B 409 -20.34 18.87 -7.55
#